data_7WVW
#
_entry.id   7WVW
#
_cell.length_a   1.00
_cell.length_b   1.00
_cell.length_c   1.00
_cell.angle_alpha   90.00
_cell.angle_beta   90.00
_cell.angle_gamma   90.00
#
_symmetry.space_group_name_H-M   'P 1'
#
loop_
_entity.id
_entity.type
_entity.pdbx_description
1 polymer FME-TYR-PHE-ILE-ASN-ILE-LEU-THE-LEU
2 polymer 'Soluble cytochrome b562,N-formyl peptide receptor 2'
3 polymer 'Guanine nucleotide-binding protein G(i) subunit alpha-2'
4 polymer 'Guanine nucleotide-binding protein G(I)/G(S)/G(T) subunit beta-1'
5 polymer 'Guanine nucleotide-binding protein G(I)/G(S)/G(O) subunit gamma-2'
#
loop_
_entity_poly.entity_id
_entity_poly.type
_entity_poly.pdbx_seq_one_letter_code
_entity_poly.pdbx_strand_id
1 'polypeptide(L)' (FME)YFINILTL L
2 'polypeptide(L)'
;GAPADLEDNWETLNDNLKVIEKADNAAQVKDALTKMRAAALDAQKATPPKLEDKSPDSPEMKDFRHGFDILVGQIDDALK
LANEGKVKEAQAAAEQLKTTRNAYIQKYLGSGSENLYFQSETNFSTPLNEYEEVSYESAGYTVLRILPLVVLGVTFVLGV
LGNGLVIWVAGFRMTRTVTTICYLNLALADFSFTATLPFLIVSMAMGEKWPFGWFLCKLIHIVVDINLFGSVFLIGFIAL
DRCICVLHPVWAQNHRTVSLAMKVIVGPWILALVLTLPVFLFLTTVTIPNGDTYCTFNFASWGGTPEERLKVAITMLTAR
GIIRFVIGFLLPMSIVAICYGLIAAKIHKKGMIKSSRPLRVLTAVVASFFICWFPFQLVALLGTVWLKEMLFYGKYKIID
ILVNPTSSLAFFNSCLNPMLYVFVGQDFRERLIHSLPTSLERALSEDSAPTNDTAANSASPPAETEFLEVLFQGPGSWSH
PQFEKGSGAGASAGSWSHPQFEKGSDYKDDDDK
;
R
3 'polypeptide(L)'
;MGCTVSAEDKAAAERSKMIDKNLREDGEKAAREVKLLLLGAGESGKNTIVKQMKIIHEDGYSEEECRQYRAVVYSNTIQS
IMAIVKAMGNLQIDFADPSRADDARQLFALSCTAEEQGVLPDDLSGVIRRLWADHGVQACFGRSREYQLNDSAAYYLNDL
ERIAQSDYIPTQQDVLRTRVKTTGIVETHFTFKDLHFKMFDVGAQRSERKKWIHCFEGVTAIIFCVALSAYDLVLAEDEE
MNRMHASMKLFDSICNNKWFTDTSIILFLNKKDLFEEKITHSPLTICFPEYTGANKYDEAASYIQSKFEDLNKRKDTKEI
YTHFTCSTDTKNVQFVFDAVTDVIIKNNLKDCGLF
;
A
4 'polypeptide(L)'
;MHHHHHHGSLLQSELDQLRQEAEQLKNQIRDARKACADATLSQITNNIDPVGRIQMRTRRTLRGHLAKIYAMHWGTDSRL
LVSASQDGKLIIWDSYTTNKVHAIPLRSSWVMTCAYAPSGNYVACGGLDNICSIYNLKTREGNVRVSRELAGHTGYLSCC
RFLDDNQIVTSSGDTTCALWDIETGQQTTTFTGHTGDVMSLSLAPDTRLFVSGACDASAKLWDVREGMCRQTFTGHESDI
NAICFFPNGNAFATGSDDATCRLFDLRADQELMTYSHDNIICGITSVSFSKSGRLLLAGYDDFNCNVWDALKADRAGVLA
GHDNRVSCLGVTDDGMAVATGSWDSFLKIWN
;
B
5 'polypeptide(L)' MASNNTASIAQARKLVEQLKMEANIDRIKVSKAAADLMAYCEAHAKEDPLLTPVPASENPFREKKFFCAIL C
#
# COMPACT_ATOMS: atom_id res chain seq x y z
N TYR A 2 -40.27 4.85 -6.47
CA TYR A 2 -41.16 3.85 -5.88
C TYR A 2 -42.61 4.21 -6.16
N PHE A 3 -43.33 3.29 -6.81
CA PHE A 3 -44.71 3.55 -7.19
C PHE A 3 -45.60 3.68 -5.96
N ILE A 4 -46.46 4.71 -5.96
CA ILE A 4 -47.38 4.97 -4.86
C ILE A 4 -48.80 4.89 -5.41
N ASN A 5 -49.64 4.09 -4.76
CA ASN A 5 -51.02 3.93 -5.19
C ASN A 5 -51.82 5.21 -4.93
N ILE A 6 -52.90 5.36 -5.68
CA ILE A 6 -53.78 6.53 -5.59
C ILE A 6 -55.19 6.04 -5.25
N LEU A 7 -55.79 6.65 -4.23
CA LEU A 7 -57.13 6.27 -3.80
C LEU A 7 -58.19 6.96 -4.66
N SER B 138 -57.53 -16.41 -8.15
CA SER B 138 -57.16 -17.65 -8.82
C SER B 138 -55.90 -18.25 -8.19
N ALA B 139 -55.60 -19.49 -8.56
CA ALA B 139 -54.40 -20.15 -8.04
C ALA B 139 -53.14 -19.43 -8.51
N GLY B 140 -53.10 -19.03 -9.78
CA GLY B 140 -51.94 -18.32 -10.29
C GLY B 140 -51.77 -16.95 -9.65
N TYR B 141 -52.89 -16.25 -9.41
CA TYR B 141 -52.81 -14.94 -8.79
C TYR B 141 -52.29 -15.03 -7.35
N THR B 142 -52.72 -16.07 -6.63
CA THR B 142 -52.25 -16.25 -5.26
C THR B 142 -50.75 -16.46 -5.20
N VAL B 143 -50.21 -17.30 -6.09
CA VAL B 143 -48.76 -17.50 -6.14
C VAL B 143 -48.07 -16.22 -6.58
N LEU B 144 -48.64 -15.52 -7.57
CA LEU B 144 -48.05 -14.28 -8.06
C LEU B 144 -48.07 -13.19 -7.00
N ARG B 145 -48.92 -13.30 -5.99
CA ARG B 145 -48.92 -12.35 -4.88
C ARG B 145 -48.02 -12.79 -3.73
N ILE B 146 -47.94 -14.10 -3.48
CA ILE B 146 -47.08 -14.60 -2.40
C ILE B 146 -45.61 -14.45 -2.77
N LEU B 147 -45.26 -14.70 -4.03
CA LEU B 147 -43.85 -14.66 -4.43
C LEU B 147 -43.16 -13.33 -4.13
N PRO B 148 -43.73 -12.16 -4.39
CA PRO B 148 -43.03 -10.92 -4.03
C PRO B 148 -42.67 -10.83 -2.56
N LEU B 149 -43.45 -11.43 -1.67
CA LEU B 149 -43.11 -11.38 -0.25
C LEU B 149 -41.78 -12.05 0.03
N VAL B 150 -41.60 -13.29 -0.47
CA VAL B 150 -40.34 -13.98 -0.24
C VAL B 150 -39.21 -13.33 -1.03
N VAL B 151 -39.52 -12.76 -2.20
CA VAL B 151 -38.48 -12.05 -2.96
C VAL B 151 -37.96 -10.87 -2.17
N LEU B 152 -38.86 -10.07 -1.61
CA LEU B 152 -38.42 -8.93 -0.78
C LEU B 152 -37.74 -9.40 0.50
N GLY B 153 -38.16 -10.53 1.08
CA GLY B 153 -37.49 -11.01 2.28
C GLY B 153 -36.05 -11.42 2.02
N VAL B 154 -35.83 -12.20 0.95
CA VAL B 154 -34.47 -12.59 0.61
C VAL B 154 -33.67 -11.39 0.14
N THR B 155 -34.31 -10.43 -0.52
CA THR B 155 -33.65 -9.19 -0.88
C THR B 155 -33.16 -8.45 0.35
N PHE B 156 -34.03 -8.32 1.36
CA PHE B 156 -33.65 -7.69 2.61
C PHE B 156 -32.45 -8.39 3.23
N VAL B 157 -32.53 -9.72 3.38
CA VAL B 157 -31.47 -10.45 4.07
C VAL B 157 -30.14 -10.29 3.34
N LEU B 158 -30.14 -10.57 2.03
CA LEU B 158 -28.90 -10.54 1.27
C LEU B 158 -28.36 -9.12 1.15
N GLY B 159 -29.24 -8.13 0.96
CA GLY B 159 -28.78 -6.77 0.87
C GLY B 159 -28.16 -6.26 2.15
N VAL B 160 -28.80 -6.54 3.30
CA VAL B 160 -28.21 -6.13 4.57
C VAL B 160 -26.86 -6.80 4.78
N LEU B 161 -26.79 -8.11 4.54
CA LEU B 161 -25.53 -8.82 4.74
C LEU B 161 -24.43 -8.25 3.85
N GLY B 162 -24.69 -8.15 2.54
CA GLY B 162 -23.67 -7.69 1.62
C GLY B 162 -23.28 -6.25 1.85
N ASN B 163 -24.25 -5.37 2.09
CA ASN B 163 -23.93 -3.97 2.30
C ASN B 163 -23.15 -3.76 3.60
N GLY B 164 -23.52 -4.47 4.67
CA GLY B 164 -22.74 -4.39 5.89
C GLY B 164 -21.31 -4.87 5.69
N LEU B 165 -21.15 -5.99 4.98
CA LEU B 165 -19.81 -6.49 4.71
C LEU B 165 -18.99 -5.49 3.89
N VAL B 166 -19.61 -4.93 2.84
CA VAL B 166 -18.90 -3.99 1.98
C VAL B 166 -18.52 -2.73 2.74
N ILE B 167 -19.43 -2.21 3.56
CA ILE B 167 -19.13 -1.02 4.35
C ILE B 167 -17.99 -1.30 5.32
N TRP B 168 -18.08 -2.43 6.03
CA TRP B 168 -17.05 -2.77 7.01
C TRP B 168 -15.68 -2.93 6.36
N VAL B 169 -15.64 -3.53 5.16
CA VAL B 169 -14.36 -3.77 4.50
C VAL B 169 -13.81 -2.47 3.90
N ALA B 170 -14.57 -1.86 3.00
CA ALA B 170 -14.05 -0.71 2.24
C ALA B 170 -13.91 0.53 3.13
N GLY B 171 -14.96 0.84 3.91
CA GLY B 171 -14.97 2.09 4.63
C GLY B 171 -14.02 2.16 5.81
N PHE B 172 -13.60 1.01 6.34
CA PHE B 172 -12.76 0.97 7.52
C PHE B 172 -11.43 0.27 7.29
N ARG B 173 -11.43 -0.84 6.54
CA ARG B 173 -10.23 -1.65 6.36
C ARG B 173 -9.57 -1.45 5.00
N MET B 174 -10.04 -0.49 4.20
CA MET B 174 -9.48 -0.22 2.89
C MET B 174 -9.15 1.25 2.74
N THR B 175 -8.18 1.54 1.88
CA THR B 175 -7.78 2.91 1.63
C THR B 175 -8.90 3.65 0.90
N ARG B 176 -8.95 4.97 1.11
CA ARG B 176 -10.01 5.81 0.58
C ARG B 176 -9.62 6.28 -0.81
N THR B 177 -10.17 5.63 -1.84
CA THR B 177 -9.96 5.99 -3.23
C THR B 177 -11.28 6.39 -3.86
N VAL B 178 -11.19 6.93 -5.08
CA VAL B 178 -12.38 7.44 -5.77
C VAL B 178 -13.38 6.31 -6.01
N THR B 179 -12.90 5.19 -6.55
CA THR B 179 -13.77 4.04 -6.73
C THR B 179 -14.21 3.47 -5.38
N THR B 180 -13.33 3.54 -4.36
CA THR B 180 -13.73 3.13 -3.03
C THR B 180 -14.82 4.05 -2.47
N ILE B 181 -14.70 5.35 -2.73
CA ILE B 181 -15.73 6.30 -2.28
C ILE B 181 -17.06 6.00 -2.96
N CYS B 182 -17.02 5.73 -4.28
CA CYS B 182 -18.25 5.43 -5.00
C CYS B 182 -18.89 4.14 -4.47
N TYR B 183 -18.08 3.10 -4.24
CA TYR B 183 -18.59 1.86 -3.70
C TYR B 183 -19.17 2.06 -2.31
N LEU B 184 -18.51 2.88 -1.49
CA LEU B 184 -19.02 3.17 -0.15
C LEU B 184 -20.37 3.87 -0.22
N ASN B 185 -20.50 4.85 -1.12
CA ASN B 185 -21.77 5.55 -1.24
C ASN B 185 -22.88 4.63 -1.72
N LEU B 186 -22.58 3.79 -2.72
CA LEU B 186 -23.58 2.85 -3.22
C LEU B 186 -23.99 1.86 -2.13
N ALA B 187 -23.01 1.34 -1.39
CA ALA B 187 -23.31 0.40 -0.31
C ALA B 187 -24.13 1.06 0.80
N LEU B 188 -23.81 2.31 1.14
CA LEU B 188 -24.57 3.01 2.16
C LEU B 188 -26.01 3.23 1.72
N ALA B 189 -26.21 3.64 0.46
CA ALA B 189 -27.57 3.82 -0.04
C ALA B 189 -28.34 2.51 -0.04
N ASP B 190 -27.71 1.43 -0.51
CA ASP B 190 -28.38 0.13 -0.53
C ASP B 190 -28.69 -0.37 0.87
N PHE B 191 -27.77 -0.18 1.82
CA PHE B 191 -28.02 -0.60 3.20
C PHE B 191 -29.16 0.18 3.82
N SER B 192 -29.19 1.50 3.58
CA SER B 192 -30.29 2.31 4.09
C SER B 192 -31.61 1.88 3.48
N PHE B 193 -31.60 1.48 2.20
CA PHE B 193 -32.82 1.03 1.55
C PHE B 193 -33.30 -0.31 2.13
N THR B 194 -32.39 -1.29 2.23
CA THR B 194 -32.78 -2.61 2.71
C THR B 194 -33.21 -2.56 4.18
N ALA B 195 -32.51 -1.77 5.00
CA ALA B 195 -32.95 -1.61 6.39
C ALA B 195 -34.36 -1.05 6.48
N THR B 196 -34.81 -0.35 5.45
CA THR B 196 -36.17 0.17 5.36
C THR B 196 -37.12 -0.81 4.67
N LEU B 197 -36.58 -1.81 3.97
CA LEU B 197 -37.41 -2.73 3.21
C LEU B 197 -38.48 -3.47 4.03
N PRO B 198 -38.20 -3.96 5.25
CA PRO B 198 -39.23 -4.75 5.95
C PRO B 198 -40.56 -4.02 6.14
N PHE B 199 -40.54 -2.68 6.23
CA PHE B 199 -41.79 -1.93 6.29
C PHE B 199 -42.60 -2.14 5.02
N LEU B 200 -41.94 -2.06 3.86
CA LEU B 200 -42.62 -2.33 2.59
C LEU B 200 -43.06 -3.79 2.51
N ILE B 201 -42.27 -4.69 3.06
CA ILE B 201 -42.62 -6.12 3.03
C ILE B 201 -43.91 -6.36 3.81
N VAL B 202 -43.99 -5.80 5.03
CA VAL B 202 -45.20 -6.00 5.83
C VAL B 202 -46.36 -5.22 5.25
N SER B 203 -46.09 -4.13 4.52
CA SER B 203 -47.17 -3.43 3.82
C SER B 203 -47.76 -4.32 2.72
N MET B 204 -46.90 -4.92 1.89
CA MET B 204 -47.38 -5.77 0.82
C MET B 204 -48.01 -7.06 1.35
N ALA B 205 -47.58 -7.51 2.54
CA ALA B 205 -48.16 -8.71 3.12
C ALA B 205 -49.63 -8.52 3.43
N MET B 206 -49.99 -7.37 3.99
CA MET B 206 -51.35 -7.11 4.48
C MET B 206 -52.12 -6.15 3.58
N GLY B 207 -51.92 -6.26 2.27
CA GLY B 207 -52.70 -5.50 1.30
C GLY B 207 -52.51 -3.99 1.31
N GLU B 208 -51.24 -3.56 1.35
CA GLU B 208 -50.84 -2.15 1.27
C GLU B 208 -51.29 -1.32 2.47
N LYS B 209 -51.89 -1.94 3.48
CA LYS B 209 -52.30 -1.22 4.67
C LYS B 209 -51.09 -0.73 5.45
N TRP B 210 -51.21 0.44 6.06
CA TRP B 210 -50.18 0.92 6.98
C TRP B 210 -50.70 0.90 8.40
N PRO B 211 -50.23 -0.01 9.26
CA PRO B 211 -50.58 0.05 10.68
C PRO B 211 -49.77 1.07 11.47
N PHE B 212 -48.68 1.59 10.90
CA PHE B 212 -47.79 2.49 11.61
C PHE B 212 -48.30 3.93 11.50
N GLY B 213 -47.52 4.85 12.06
CA GLY B 213 -47.94 6.24 12.15
C GLY B 213 -47.64 7.04 10.89
N TRP B 214 -48.10 8.30 10.92
CA TRP B 214 -47.89 9.21 9.79
C TRP B 214 -46.41 9.58 9.64
N PHE B 215 -45.76 9.94 10.75
CA PHE B 215 -44.35 10.29 10.68
C PHE B 215 -43.50 9.12 10.24
N LEU B 216 -43.85 7.91 10.68
CA LEU B 216 -43.06 6.75 10.31
C LEU B 216 -43.20 6.41 8.83
N CYS B 217 -44.40 6.51 8.27
CA CYS B 217 -44.55 6.24 6.84
C CYS B 217 -43.88 7.34 6.02
N LYS B 218 -44.02 8.59 6.44
CA LYS B 218 -43.31 9.68 5.79
C LYS B 218 -41.81 9.40 5.73
N LEU B 219 -41.22 9.03 6.88
CA LEU B 219 -39.79 8.77 6.93
C LEU B 219 -39.42 7.55 6.08
N ILE B 220 -40.24 6.50 6.14
CA ILE B 220 -39.93 5.28 5.40
C ILE B 220 -39.96 5.52 3.90
N HIS B 221 -40.95 6.27 3.40
CA HIS B 221 -41.01 6.52 1.98
C HIS B 221 -39.99 7.56 1.52
N ILE B 222 -39.64 8.53 2.36
CA ILE B 222 -38.55 9.43 2.03
C ILE B 222 -37.25 8.66 1.90
N VAL B 223 -36.96 7.78 2.87
CA VAL B 223 -35.74 6.98 2.82
C VAL B 223 -35.75 6.08 1.59
N VAL B 224 -36.89 5.45 1.30
CA VAL B 224 -36.97 4.55 0.15
C VAL B 224 -36.71 5.31 -1.15
N ASP B 225 -37.39 6.43 -1.35
CA ASP B 225 -37.24 7.17 -2.60
C ASP B 225 -35.83 7.74 -2.73
N ILE B 226 -35.29 8.31 -1.65
CA ILE B 226 -33.95 8.88 -1.72
C ILE B 226 -32.93 7.78 -1.98
N ASN B 227 -33.06 6.63 -1.33
CA ASN B 227 -32.11 5.55 -1.56
C ASN B 227 -32.19 5.02 -2.97
N LEU B 228 -33.40 4.86 -3.51
CA LEU B 228 -33.54 4.37 -4.88
C LEU B 228 -32.92 5.35 -5.88
N PHE B 229 -33.27 6.63 -5.75
CA PHE B 229 -32.72 7.63 -6.66
C PHE B 229 -31.20 7.73 -6.53
N GLY B 230 -30.69 7.70 -5.29
CA GLY B 230 -29.26 7.77 -5.08
C GLY B 230 -28.53 6.56 -5.62
N SER B 231 -29.11 5.37 -5.46
CA SER B 231 -28.49 4.17 -6.00
C SER B 231 -28.43 4.21 -7.52
N VAL B 232 -29.52 4.61 -8.17
CA VAL B 232 -29.52 4.69 -9.62
C VAL B 232 -28.52 5.75 -10.10
N PHE B 233 -28.52 6.91 -9.44
CA PHE B 233 -27.60 7.99 -9.83
C PHE B 233 -26.15 7.59 -9.57
N LEU B 234 -25.90 6.83 -8.51
CA LEU B 234 -24.54 6.39 -8.22
C LEU B 234 -24.09 5.32 -9.22
N ILE B 235 -25.01 4.47 -9.66
CA ILE B 235 -24.68 3.52 -10.73
C ILE B 235 -24.32 4.27 -12.00
N GLY B 236 -25.12 5.28 -12.35
CA GLY B 236 -24.80 6.10 -13.50
C GLY B 236 -23.47 6.82 -13.38
N PHE B 237 -23.19 7.34 -12.18
CA PHE B 237 -21.94 8.07 -11.96
C PHE B 237 -20.74 7.12 -12.01
N ILE B 238 -20.89 5.90 -11.49
CA ILE B 238 -19.82 4.91 -11.57
C ILE B 238 -19.55 4.54 -13.02
N ALA B 239 -20.63 4.36 -13.81
CA ALA B 239 -20.45 4.09 -15.23
C ALA B 239 -19.75 5.25 -15.92
N LEU B 240 -20.14 6.48 -15.61
CA LEU B 240 -19.50 7.65 -16.21
C LEU B 240 -18.03 7.75 -15.82
N ASP B 241 -17.72 7.48 -14.56
CA ASP B 241 -16.33 7.53 -14.10
C ASP B 241 -15.49 6.46 -14.79
N ARG B 242 -16.02 5.24 -14.92
CA ARG B 242 -15.31 4.20 -15.63
C ARG B 242 -15.09 4.57 -17.09
N CYS B 243 -16.11 5.14 -17.73
CA CYS B 243 -15.97 5.57 -19.12
C CYS B 243 -14.92 6.66 -19.27
N ILE B 244 -14.89 7.61 -18.34
CA ILE B 244 -13.89 8.67 -18.37
C ILE B 244 -12.48 8.08 -18.18
N CYS B 245 -12.35 7.15 -17.24
CA CYS B 245 -11.05 6.53 -16.99
C CYS B 245 -10.57 5.73 -18.19
N VAL B 246 -11.49 5.08 -18.90
CA VAL B 246 -11.10 4.24 -20.03
C VAL B 246 -10.77 5.08 -21.25
N LEU B 247 -11.71 5.95 -21.67
CA LEU B 247 -11.51 6.70 -22.91
C LEU B 247 -10.42 7.74 -22.77
N HIS B 248 -10.36 8.44 -21.64
CA HIS B 248 -9.39 9.51 -21.41
C HIS B 248 -8.63 9.24 -20.13
N PRO B 249 -7.66 8.32 -20.17
CA PRO B 249 -6.92 7.99 -18.94
C PRO B 249 -6.12 9.16 -18.38
N VAL B 250 -5.69 10.10 -19.24
CA VAL B 250 -4.89 11.22 -18.76
C VAL B 250 -5.70 12.10 -17.82
N TRP B 251 -6.94 12.42 -18.19
CA TRP B 251 -7.79 13.23 -17.34
C TRP B 251 -8.08 12.51 -16.02
N ALA B 252 -8.34 11.21 -16.07
CA ALA B 252 -8.58 10.44 -14.85
C ALA B 252 -7.35 10.45 -13.95
N GLN B 253 -6.16 10.30 -14.53
CA GLN B 253 -4.94 10.30 -13.73
C GLN B 253 -4.70 11.68 -13.10
N ASN B 254 -4.92 12.75 -13.86
CA ASN B 254 -4.56 14.09 -13.41
C ASN B 254 -5.71 14.88 -12.80
N HIS B 255 -6.94 14.37 -12.84
CA HIS B 255 -8.06 15.16 -12.36
C HIS B 255 -9.06 14.32 -11.56
N ARG B 256 -8.60 13.28 -10.87
CA ARG B 256 -9.46 12.47 -10.00
C ARG B 256 -8.88 12.52 -8.59
N THR B 257 -9.41 13.41 -7.76
CA THR B 257 -9.01 13.54 -6.37
C THR B 257 -10.19 13.20 -5.48
N VAL B 258 -9.89 12.82 -4.23
CA VAL B 258 -10.93 12.42 -3.29
C VAL B 258 -11.85 13.59 -2.97
N SER B 259 -11.28 14.78 -2.75
CA SER B 259 -12.10 15.94 -2.46
C SER B 259 -13.08 16.22 -3.60
N LEU B 260 -12.57 16.22 -4.84
CA LEU B 260 -13.44 16.36 -5.99
C LEU B 260 -14.40 15.20 -6.11
N ALA B 261 -13.99 14.00 -5.66
CA ALA B 261 -14.88 12.85 -5.71
C ALA B 261 -16.12 13.08 -4.85
N MET B 262 -15.94 13.46 -3.59
CA MET B 262 -17.10 13.79 -2.76
C MET B 262 -17.86 15.00 -3.31
N LYS B 263 -17.15 15.99 -3.84
CA LYS B 263 -17.81 17.18 -4.35
C LYS B 263 -18.76 16.83 -5.49
N VAL B 264 -18.37 15.92 -6.38
CA VAL B 264 -19.21 15.53 -7.49
C VAL B 264 -20.21 14.43 -7.11
N ILE B 265 -19.97 13.70 -6.03
CA ILE B 265 -20.94 12.70 -5.58
C ILE B 265 -22.08 13.34 -4.81
N VAL B 266 -21.84 14.50 -4.17
CA VAL B 266 -22.94 15.21 -3.53
C VAL B 266 -24.02 15.59 -4.54
N GLY B 267 -23.64 15.79 -5.79
CA GLY B 267 -24.57 16.20 -6.83
C GLY B 267 -25.72 15.25 -7.06
N PRO B 268 -25.44 13.96 -7.21
CA PRO B 268 -26.54 12.98 -7.25
C PRO B 268 -27.42 13.01 -6.02
N TRP B 269 -26.85 13.23 -4.84
CA TRP B 269 -27.65 13.25 -3.62
C TRP B 269 -28.58 14.46 -3.59
N ILE B 270 -28.06 15.65 -3.92
CA ILE B 270 -28.92 16.82 -3.93
C ILE B 270 -29.95 16.72 -5.05
N LEU B 271 -29.60 16.07 -6.16
CA LEU B 271 -30.60 15.81 -7.20
C LEU B 271 -31.71 14.91 -6.68
N ALA B 272 -31.34 13.89 -5.90
CA ALA B 272 -32.35 13.03 -5.30
C ALA B 272 -33.25 13.80 -4.35
N LEU B 273 -32.67 14.68 -3.53
CA LEU B 273 -33.47 15.52 -2.64
C LEU B 273 -34.42 16.42 -3.43
N VAL B 274 -33.92 17.02 -4.52
CA VAL B 274 -34.76 17.91 -5.32
C VAL B 274 -35.91 17.14 -5.95
N LEU B 275 -35.63 15.95 -6.48
CA LEU B 275 -36.68 15.14 -7.09
C LEU B 275 -37.66 14.61 -6.04
N THR B 276 -37.20 14.44 -4.80
CA THR B 276 -38.03 13.94 -3.72
C THR B 276 -38.81 15.04 -3.01
N LEU B 277 -38.49 16.31 -3.26
CA LEU B 277 -39.21 17.41 -2.62
C LEU B 277 -40.73 17.27 -2.69
N PRO B 278 -41.34 16.95 -3.84
CA PRO B 278 -42.79 16.67 -3.80
C PRO B 278 -43.13 15.49 -2.91
N VAL B 279 -42.28 14.46 -2.86
CA VAL B 279 -42.53 13.34 -1.96
C VAL B 279 -42.42 13.78 -0.51
N PHE B 280 -41.53 14.74 -0.22
CA PHE B 280 -41.52 15.33 1.11
C PHE B 280 -42.84 16.02 1.43
N LEU B 281 -43.31 16.91 0.56
CA LEU B 281 -44.34 17.85 0.97
C LEU B 281 -45.73 17.59 0.38
N PHE B 282 -45.87 16.64 -0.56
CA PHE B 282 -47.21 16.24 -0.98
C PHE B 282 -47.72 15.04 -0.19
N LEU B 283 -46.83 14.11 0.17
CA LEU B 283 -47.25 12.86 0.79
C LEU B 283 -47.77 13.07 2.21
N THR B 284 -48.78 12.29 2.58
CA THR B 284 -49.32 12.24 3.93
C THR B 284 -50.29 11.06 4.04
N THR B 285 -50.35 10.47 5.24
CA THR B 285 -51.20 9.30 5.44
C THR B 285 -52.68 9.67 5.35
N VAL B 286 -53.45 8.79 4.70
CA VAL B 286 -54.87 9.03 4.44
C VAL B 286 -55.67 7.85 4.95
N THR B 287 -56.67 8.11 5.77
CA THR B 287 -57.53 7.06 6.29
C THR B 287 -58.86 7.06 5.55
N ILE B 288 -59.29 5.89 5.11
CA ILE B 288 -60.56 5.74 4.39
C ILE B 288 -61.70 5.74 5.41
N PRO B 289 -62.94 6.06 5.00
CA PRO B 289 -64.04 6.04 5.96
C PRO B 289 -64.30 4.68 6.58
N ASN B 290 -63.87 3.59 5.93
CA ASN B 290 -64.09 2.26 6.48
C ASN B 290 -63.25 1.99 7.73
N GLY B 291 -62.30 2.85 8.05
CA GLY B 291 -61.45 2.67 9.21
C GLY B 291 -60.07 2.11 8.94
N ASP B 292 -59.70 1.92 7.67
CA ASP B 292 -58.39 1.45 7.29
C ASP B 292 -57.54 2.63 6.84
N THR B 293 -56.23 2.51 7.03
CA THR B 293 -55.31 3.61 6.78
C THR B 293 -54.39 3.29 5.61
N TYR B 294 -54.23 4.25 4.70
CA TYR B 294 -53.29 4.20 3.59
C TYR B 294 -52.48 5.48 3.58
N CYS B 295 -51.15 5.37 3.51
CA CYS B 295 -50.36 6.59 3.36
C CYS B 295 -50.04 6.76 1.88
N THR B 296 -50.72 7.72 1.27
CA THR B 296 -50.68 7.97 -0.16
C THR B 296 -50.66 9.49 -0.33
N PHE B 297 -51.02 9.98 -1.51
CA PHE B 297 -51.05 11.41 -1.74
C PHE B 297 -52.43 11.98 -1.47
N ASN B 298 -52.44 13.17 -0.88
CA ASN B 298 -53.66 13.85 -0.47
C ASN B 298 -53.57 15.30 -0.90
N PHE B 299 -54.71 15.86 -1.34
CA PHE B 299 -54.72 17.18 -1.95
C PHE B 299 -55.85 18.05 -1.42
N ALA B 300 -56.43 17.69 -0.27
CA ALA B 300 -57.50 18.49 0.32
C ALA B 300 -56.99 19.88 0.72
N SER B 301 -55.80 19.93 1.33
CA SER B 301 -55.24 21.22 1.73
C SER B 301 -54.87 22.06 0.53
N TRP B 302 -54.29 21.45 -0.51
CA TRP B 302 -53.84 22.20 -1.68
C TRP B 302 -55.02 22.73 -2.48
N GLY B 303 -56.07 21.93 -2.64
CA GLY B 303 -57.21 22.33 -3.44
C GLY B 303 -58.43 22.68 -2.62
N GLY B 304 -58.96 23.89 -2.82
CA GLY B 304 -60.15 24.30 -2.09
C GLY B 304 -61.37 23.48 -2.44
N THR B 305 -61.54 23.17 -3.73
CA THR B 305 -62.65 22.36 -4.20
C THR B 305 -62.13 21.02 -4.72
N PRO B 306 -62.95 19.96 -4.69
CA PRO B 306 -62.47 18.65 -5.16
C PRO B 306 -62.02 18.65 -6.61
N GLU B 307 -62.61 19.48 -7.47
CA GLU B 307 -62.26 19.44 -8.89
C GLU B 307 -60.81 19.89 -9.11
N GLU B 308 -60.43 21.04 -8.56
CA GLU B 308 -59.07 21.52 -8.74
C GLU B 308 -58.07 20.63 -8.01
N ARG B 309 -58.45 20.07 -6.87
CA ARG B 309 -57.58 19.13 -6.18
C ARG B 309 -57.31 17.90 -7.03
N LEU B 310 -58.36 17.36 -7.67
CA LEU B 310 -58.17 16.21 -8.56
C LEU B 310 -57.31 16.59 -9.76
N LYS B 311 -57.53 17.76 -10.34
CA LYS B 311 -56.75 18.18 -11.49
C LYS B 311 -55.26 18.33 -11.14
N VAL B 312 -54.97 18.98 -10.02
CA VAL B 312 -53.57 19.14 -9.62
C VAL B 312 -52.97 17.80 -9.24
N ALA B 313 -53.76 16.89 -8.65
CA ALA B 313 -53.27 15.56 -8.36
C ALA B 313 -52.85 14.83 -9.63
N ILE B 314 -53.72 14.87 -10.64
CA ILE B 314 -53.42 14.18 -11.90
C ILE B 314 -52.18 14.79 -12.56
N THR B 315 -52.12 16.12 -12.61
CA THR B 315 -51.00 16.75 -13.30
C THR B 315 -49.69 16.52 -12.55
N MET B 316 -49.71 16.52 -11.21
CA MET B 316 -48.49 16.27 -10.46
C MET B 316 -48.06 14.82 -10.61
N LEU B 317 -49.00 13.89 -10.61
CA LEU B 317 -48.65 12.48 -10.79
C LEU B 317 -48.06 12.23 -12.17
N THR B 318 -48.63 12.84 -13.21
CA THR B 318 -48.06 12.70 -14.55
C THR B 318 -46.67 13.32 -14.62
N ALA B 319 -46.49 14.49 -14.00
CA ALA B 319 -45.17 15.11 -14.00
C ALA B 319 -44.15 14.24 -13.28
N ARG B 320 -44.54 13.66 -12.14
CA ARG B 320 -43.63 12.78 -11.40
C ARG B 320 -43.30 11.54 -12.22
N GLY B 321 -44.28 10.98 -12.92
CA GLY B 321 -43.99 9.83 -13.77
C GLY B 321 -43.04 10.17 -14.90
N ILE B 322 -43.22 11.32 -15.54
CA ILE B 322 -42.31 11.74 -16.60
C ILE B 322 -40.90 11.95 -16.05
N ILE B 323 -40.80 12.62 -14.90
CA ILE B 323 -39.49 12.84 -14.29
C ILE B 323 -38.82 11.52 -13.95
N ARG B 324 -39.57 10.58 -13.37
CA ARG B 324 -39.01 9.27 -13.06
C ARG B 324 -38.51 8.58 -14.32
N PHE B 325 -39.35 8.53 -15.36
CA PHE B 325 -38.96 7.82 -16.57
C PHE B 325 -37.75 8.45 -17.24
N VAL B 326 -37.66 9.78 -17.23
CA VAL B 326 -36.58 10.45 -17.94
C VAL B 326 -35.30 10.46 -17.11
N ILE B 327 -35.33 11.11 -15.95
CA ILE B 327 -34.12 11.26 -15.15
C ILE B 327 -33.77 9.95 -14.44
N GLY B 328 -34.77 9.30 -13.83
CA GLY B 328 -34.48 8.08 -13.08
C GLY B 328 -34.07 6.92 -13.95
N PHE B 329 -34.70 6.78 -15.13
CA PHE B 329 -34.49 5.62 -15.99
C PHE B 329 -33.77 5.96 -17.28
N LEU B 330 -34.31 6.90 -18.07
CA LEU B 330 -33.75 7.17 -19.38
C LEU B 330 -32.33 7.72 -19.28
N LEU B 331 -32.09 8.64 -18.35
CA LEU B 331 -30.76 9.22 -18.20
C LEU B 331 -29.70 8.20 -17.82
N PRO B 332 -29.89 7.34 -16.80
CA PRO B 332 -28.82 6.38 -16.48
C PRO B 332 -28.73 5.23 -17.45
N MET B 333 -29.87 4.72 -17.92
CA MET B 333 -29.84 3.60 -18.86
C MET B 333 -29.11 3.99 -20.15
N SER B 334 -29.37 5.19 -20.66
CA SER B 334 -28.60 5.69 -21.79
C SER B 334 -27.14 5.86 -21.42
N ILE B 335 -26.87 6.39 -20.22
CA ILE B 335 -25.49 6.58 -19.79
C ILE B 335 -24.80 5.24 -19.58
N VAL B 336 -25.46 4.31 -18.88
CA VAL B 336 -24.84 3.02 -18.58
C VAL B 336 -24.52 2.26 -19.86
N ALA B 337 -25.48 2.22 -20.79
CA ALA B 337 -25.24 1.53 -22.05
C ALA B 337 -24.13 2.20 -22.86
N ILE B 338 -24.14 3.54 -22.91
CA ILE B 338 -23.12 4.26 -23.67
C ILE B 338 -21.76 4.13 -22.99
N CYS B 339 -21.72 4.36 -21.68
CA CYS B 339 -20.44 4.32 -20.96
C CYS B 339 -19.80 2.94 -21.02
N TYR B 340 -20.60 1.89 -20.77
CA TYR B 340 -20.06 0.55 -20.84
C TYR B 340 -19.85 0.11 -22.28
N GLY B 341 -20.64 0.66 -23.22
CA GLY B 341 -20.44 0.32 -24.62
C GLY B 341 -19.12 0.82 -25.16
N LEU B 342 -18.73 2.05 -24.83
CA LEU B 342 -17.45 2.58 -25.28
C LEU B 342 -16.29 1.85 -24.62
N ILE B 343 -16.45 1.45 -23.35
CA ILE B 343 -15.39 0.74 -22.66
C ILE B 343 -15.10 -0.59 -23.35
N ALA B 344 -16.15 -1.34 -23.68
CA ALA B 344 -15.97 -2.59 -24.41
C ALA B 344 -15.45 -2.34 -25.81
N ALA B 345 -15.94 -1.27 -26.47
CA ALA B 345 -15.51 -0.97 -27.82
C ALA B 345 -14.03 -0.60 -27.86
N LYS B 346 -13.56 0.19 -26.89
CA LYS B 346 -12.18 0.65 -26.91
C LYS B 346 -11.21 -0.50 -26.65
N ILE B 347 -11.50 -1.32 -25.63
CA ILE B 347 -10.59 -2.41 -25.29
C ILE B 347 -10.52 -3.43 -26.41
N HIS B 348 -11.59 -3.59 -27.19
CA HIS B 348 -11.55 -4.50 -28.32
C HIS B 348 -10.59 -3.99 -29.40
N LYS B 349 -10.60 -2.68 -29.66
CA LYS B 349 -9.71 -2.13 -30.69
C LYS B 349 -8.25 -2.16 -30.23
N LYS B 350 -8.01 -1.93 -28.94
CA LYS B 350 -6.65 -1.96 -28.41
C LYS B 350 -6.11 -3.37 -28.26
N GLY B 351 -6.91 -4.40 -28.51
CA GLY B 351 -6.48 -5.76 -28.29
C GLY B 351 -6.27 -6.08 -26.82
N MET B 352 -7.14 -5.57 -25.96
CA MET B 352 -7.03 -5.74 -24.52
C MET B 352 -7.77 -6.97 -24.01
N ILE B 353 -8.37 -7.76 -24.91
CA ILE B 353 -9.17 -8.91 -24.52
C ILE B 353 -8.26 -10.11 -24.28
N LYS B 354 -7.85 -10.31 -23.03
CA LYS B 354 -7.03 -11.46 -22.66
C LYS B 354 -7.84 -12.56 -21.99
N SER B 355 -9.08 -12.28 -21.57
CA SER B 355 -9.93 -13.27 -20.95
C SER B 355 -11.38 -12.85 -21.12
N SER B 356 -12.28 -13.80 -20.90
CA SER B 356 -13.71 -13.53 -21.01
C SER B 356 -14.29 -12.88 -19.77
N ARG B 357 -13.52 -12.78 -18.68
CA ARG B 357 -14.04 -12.21 -17.44
C ARG B 357 -14.50 -10.77 -17.58
N PRO B 358 -13.73 -9.85 -18.18
CA PRO B 358 -14.22 -8.47 -18.29
C PRO B 358 -15.51 -8.35 -19.10
N LEU B 359 -15.56 -8.99 -20.27
CA LEU B 359 -16.76 -8.95 -21.08
C LEU B 359 -17.94 -9.60 -20.35
N ARG B 360 -17.69 -10.72 -19.67
CA ARG B 360 -18.75 -11.39 -18.93
C ARG B 360 -19.31 -10.47 -17.85
N VAL B 361 -18.43 -9.81 -17.10
CA VAL B 361 -18.87 -8.93 -16.01
C VAL B 361 -19.67 -7.76 -16.58
N LEU B 362 -19.16 -7.13 -17.65
CA LEU B 362 -19.83 -5.97 -18.22
C LEU B 362 -21.21 -6.35 -18.76
N THR B 363 -21.28 -7.43 -19.54
CA THR B 363 -22.56 -7.85 -20.09
C THR B 363 -23.53 -8.26 -18.98
N ALA B 364 -23.05 -8.95 -17.95
CA ALA B 364 -23.92 -9.31 -16.84
C ALA B 364 -24.49 -8.09 -16.16
N VAL B 365 -23.65 -7.09 -15.89
CA VAL B 365 -24.11 -5.88 -15.21
C VAL B 365 -25.17 -5.16 -16.05
N VAL B 366 -24.86 -4.93 -17.33
CA VAL B 366 -25.79 -4.18 -18.18
C VAL B 366 -27.09 -4.95 -18.38
N ALA B 367 -26.99 -6.26 -18.63
CA ALA B 367 -28.18 -7.06 -18.86
C ALA B 367 -29.05 -7.12 -17.61
N SER B 368 -28.45 -7.32 -16.44
CA SER B 368 -29.23 -7.34 -15.20
C SER B 368 -29.93 -6.02 -14.98
N PHE B 369 -29.20 -4.91 -15.13
CA PHE B 369 -29.79 -3.59 -14.93
C PHE B 369 -30.97 -3.37 -15.87
N PHE B 370 -30.81 -3.72 -17.14
CA PHE B 370 -31.88 -3.53 -18.11
C PHE B 370 -33.08 -4.40 -17.75
N ILE B 371 -32.88 -5.70 -17.56
CA ILE B 371 -33.99 -6.61 -17.34
C ILE B 371 -34.68 -6.37 -16.00
N CYS B 372 -34.04 -5.66 -15.07
CA CYS B 372 -34.71 -5.37 -13.80
C CYS B 372 -35.33 -3.98 -13.76
N TRP B 373 -34.85 -3.03 -14.55
CA TRP B 373 -35.36 -1.67 -14.47
C TRP B 373 -36.30 -1.30 -15.60
N PHE B 374 -36.08 -1.81 -16.81
CA PHE B 374 -36.98 -1.51 -17.92
C PHE B 374 -38.41 -1.96 -17.65
N PRO B 375 -38.67 -3.18 -17.16
CA PRO B 375 -40.08 -3.54 -16.88
C PRO B 375 -40.74 -2.65 -15.84
N PHE B 376 -40.05 -2.31 -14.76
CA PHE B 376 -40.66 -1.51 -13.70
C PHE B 376 -40.98 -0.11 -14.19
N GLN B 377 -40.04 0.53 -14.88
CA GLN B 377 -40.28 1.87 -15.40
C GLN B 377 -41.31 1.86 -16.52
N LEU B 378 -41.35 0.80 -17.32
CA LEU B 378 -42.39 0.66 -18.33
C LEU B 378 -43.77 0.58 -17.69
N VAL B 379 -43.90 -0.22 -16.62
CA VAL B 379 -45.17 -0.33 -15.91
C VAL B 379 -45.55 1.01 -15.30
N ALA B 380 -44.59 1.71 -14.70
CA ALA B 380 -44.88 3.02 -14.12
C ALA B 380 -45.33 4.01 -15.18
N LEU B 381 -44.67 4.02 -16.34
CA LEU B 381 -45.05 4.93 -17.42
C LEU B 381 -46.45 4.60 -17.94
N LEU B 382 -46.74 3.31 -18.11
CA LEU B 382 -48.07 2.92 -18.57
C LEU B 382 -49.14 3.32 -17.56
N GLY B 383 -48.84 3.18 -16.27
CA GLY B 383 -49.79 3.61 -15.25
C GLY B 383 -50.00 5.12 -15.27
N THR B 384 -48.92 5.88 -15.45
CA THR B 384 -49.05 7.34 -15.46
C THR B 384 -49.82 7.83 -16.67
N VAL B 385 -49.55 7.26 -17.86
CA VAL B 385 -50.27 7.70 -19.06
C VAL B 385 -51.70 7.21 -19.06
N TRP B 386 -52.02 6.16 -18.30
CA TRP B 386 -53.38 5.65 -18.18
C TRP B 386 -53.98 5.93 -16.81
N LEU B 387 -53.40 6.87 -16.07
CA LEU B 387 -53.89 7.18 -14.72
C LEU B 387 -55.29 7.76 -14.75
N LYS B 388 -55.58 8.62 -15.72
CA LYS B 388 -56.89 9.25 -15.81
C LYS B 388 -57.98 8.21 -16.03
N GLU B 389 -57.75 7.25 -16.93
CA GLU B 389 -58.72 6.19 -17.16
C GLU B 389 -58.84 5.28 -15.94
N MET B 390 -57.72 5.04 -15.25
CA MET B 390 -57.76 4.18 -14.07
C MET B 390 -58.59 4.80 -12.95
N LEU B 391 -58.43 6.10 -12.71
CA LEU B 391 -59.17 6.75 -11.64
C LEU B 391 -60.57 7.20 -12.05
N PHE B 392 -60.87 7.26 -13.34
CA PHE B 392 -62.18 7.68 -13.80
C PHE B 392 -63.06 6.51 -14.24
N TYR B 393 -62.48 5.45 -14.77
CA TYR B 393 -63.25 4.30 -15.23
C TYR B 393 -62.71 2.95 -14.76
N GLY B 394 -61.46 2.87 -14.33
CA GLY B 394 -60.89 1.58 -13.94
C GLY B 394 -60.82 0.60 -15.10
N LYS B 395 -60.45 1.08 -16.28
CA LYS B 395 -60.41 0.22 -17.46
C LYS B 395 -59.34 -0.87 -17.33
N TYR B 396 -58.17 -0.52 -16.79
CA TYR B 396 -57.03 -1.40 -16.73
C TYR B 396 -56.73 -1.77 -15.28
N LYS B 397 -56.58 -3.07 -15.02
CA LYS B 397 -56.25 -3.56 -13.68
C LYS B 397 -55.00 -4.41 -13.64
N ILE B 398 -54.49 -4.87 -14.78
CA ILE B 398 -53.31 -5.73 -14.79
C ILE B 398 -52.07 -4.95 -14.35
N ILE B 399 -52.03 -3.63 -14.60
CA ILE B 399 -50.87 -2.84 -14.22
C ILE B 399 -50.72 -2.79 -12.71
N ASP B 400 -51.82 -2.63 -11.98
CA ASP B 400 -51.77 -2.58 -10.53
C ASP B 400 -51.24 -3.89 -9.96
N ILE B 401 -51.67 -5.02 -10.52
CA ILE B 401 -51.17 -6.32 -10.09
C ILE B 401 -49.69 -6.45 -10.42
N LEU B 402 -49.28 -6.01 -11.62
CA LEU B 402 -47.91 -6.18 -12.07
C LEU B 402 -46.92 -5.22 -11.43
N VAL B 403 -47.40 -4.19 -10.72
CA VAL B 403 -46.49 -3.29 -10.02
C VAL B 403 -45.64 -4.05 -9.02
N ASN B 404 -46.25 -4.94 -8.25
CA ASN B 404 -45.52 -5.64 -7.19
C ASN B 404 -44.36 -6.49 -7.71
N PRO B 405 -44.53 -7.35 -8.72
CA PRO B 405 -43.35 -8.10 -9.22
C PRO B 405 -42.25 -7.20 -9.76
N THR B 406 -42.61 -6.11 -10.44
CA THR B 406 -41.61 -5.19 -10.95
C THR B 406 -40.85 -4.52 -9.82
N SER B 407 -41.56 -4.10 -8.78
CA SER B 407 -40.90 -3.53 -7.61
C SER B 407 -40.00 -4.55 -6.94
N SER B 408 -40.43 -5.80 -6.87
CA SER B 408 -39.58 -6.85 -6.30
C SER B 408 -38.31 -7.03 -7.12
N LEU B 409 -38.43 -7.02 -8.44
CA LEU B 409 -37.25 -7.17 -9.30
C LEU B 409 -36.29 -5.99 -9.13
N ALA B 410 -36.84 -4.76 -9.06
CA ALA B 410 -35.98 -3.59 -8.84
C ALA B 410 -35.29 -3.66 -7.48
N PHE B 411 -36.01 -4.11 -6.46
CA PHE B 411 -35.40 -4.25 -5.14
C PHE B 411 -34.31 -5.32 -5.16
N PHE B 412 -34.53 -6.41 -5.91
CA PHE B 412 -33.52 -7.44 -6.04
C PHE B 412 -32.27 -6.90 -6.75
N ASN B 413 -32.47 -6.01 -7.72
CA ASN B 413 -31.33 -5.33 -8.31
C ASN B 413 -30.59 -4.49 -7.28
N SER B 414 -31.34 -3.74 -6.47
CA SER B 414 -30.71 -2.94 -5.42
C SER B 414 -29.90 -3.82 -4.48
N CYS B 415 -30.39 -5.04 -4.25
CA CYS B 415 -29.66 -6.01 -3.44
C CYS B 415 -28.38 -6.48 -4.13
N LEU B 416 -28.47 -6.81 -5.42
CA LEU B 416 -27.34 -7.44 -6.11
C LEU B 416 -26.32 -6.43 -6.63
N ASN B 417 -26.61 -5.14 -6.57
CA ASN B 417 -25.66 -4.13 -7.03
C ASN B 417 -24.28 -4.24 -6.38
N PRO B 418 -24.15 -4.39 -5.06
CA PRO B 418 -22.81 -4.64 -4.49
C PRO B 418 -22.18 -5.93 -5.01
N MET B 419 -22.99 -6.95 -5.30
CA MET B 419 -22.44 -8.22 -5.78
C MET B 419 -21.76 -8.05 -7.14
N LEU B 420 -22.38 -7.30 -8.04
CA LEU B 420 -21.84 -7.11 -9.38
C LEU B 420 -21.00 -5.84 -9.51
N TYR B 421 -20.85 -5.07 -8.44
CA TYR B 421 -20.06 -3.84 -8.47
C TYR B 421 -18.88 -3.83 -7.53
N VAL B 422 -18.94 -4.53 -6.40
CA VAL B 422 -17.91 -4.48 -5.38
C VAL B 422 -17.15 -5.80 -5.29
N PHE B 423 -17.87 -6.92 -5.16
CA PHE B 423 -17.22 -8.22 -5.03
C PHE B 423 -16.54 -8.69 -6.31
N VAL B 424 -16.75 -8.01 -7.43
CA VAL B 424 -16.12 -8.42 -8.69
C VAL B 424 -14.61 -8.24 -8.60
N GLY B 425 -14.15 -7.20 -7.92
CA GLY B 425 -12.72 -6.95 -7.82
C GLY B 425 -12.04 -7.95 -6.90
N GLN B 426 -10.83 -8.35 -7.27
CA GLN B 426 -10.08 -9.31 -6.47
C GLN B 426 -9.48 -8.66 -5.21
N ASP B 427 -9.18 -7.36 -5.27
CA ASP B 427 -8.64 -6.68 -4.10
C ASP B 427 -9.65 -6.68 -2.96
N PHE B 428 -10.92 -6.42 -3.26
CA PHE B 428 -11.95 -6.47 -2.23
C PHE B 428 -12.08 -7.87 -1.65
N ARG B 429 -12.01 -8.90 -2.51
CA ARG B 429 -12.12 -10.27 -2.01
C ARG B 429 -10.97 -10.64 -1.10
N GLU B 430 -9.73 -10.28 -1.48
CA GLU B 430 -8.60 -10.62 -0.63
C GLU B 430 -8.64 -9.84 0.68
N ARG B 431 -9.05 -8.56 0.63
CA ARG B 431 -9.20 -7.81 1.87
C ARG B 431 -10.28 -8.43 2.77
N LEU B 432 -11.38 -8.88 2.18
CA LEU B 432 -12.45 -9.49 2.96
C LEU B 432 -11.98 -10.80 3.60
N ILE B 433 -11.28 -11.65 2.84
CA ILE B 433 -10.85 -12.92 3.41
C ILE B 433 -9.76 -12.69 4.46
N HIS B 434 -8.95 -11.62 4.31
CA HIS B 434 -7.99 -11.29 5.34
C HIS B 434 -8.67 -10.70 6.57
N SER B 435 -9.84 -10.10 6.40
CA SER B 435 -10.56 -9.53 7.53
C SER B 435 -11.13 -10.60 8.46
N LEU B 436 -11.24 -11.84 8.00
CA LEU B 436 -11.76 -12.92 8.82
C LEU B 436 -10.82 -14.11 8.83
N SER C 6 -8.46 23.93 26.20
CA SER C 6 -7.19 24.56 26.49
C SER C 6 -6.58 25.16 25.22
N ALA C 7 -5.95 26.34 25.37
CA ALA C 7 -5.37 27.02 24.22
C ALA C 7 -4.20 26.25 23.63
N GLU C 8 -3.34 25.69 24.49
CA GLU C 8 -2.13 25.02 24.00
C GLU C 8 -2.48 23.82 23.14
N ASP C 9 -3.44 23.00 23.57
CA ASP C 9 -3.86 21.86 22.77
C ASP C 9 -4.54 22.31 21.48
N LYS C 10 -5.34 23.39 21.55
CA LYS C 10 -6.03 23.87 20.37
C LYS C 10 -5.05 24.33 19.29
N ALA C 11 -3.97 25.01 19.70
CA ALA C 11 -2.94 25.39 18.75
C ALA C 11 -2.27 24.17 18.13
N ALA C 12 -2.01 23.15 18.94
CA ALA C 12 -1.46 21.91 18.41
C ALA C 12 -2.46 21.19 17.52
N ALA C 13 -3.74 21.19 17.92
CA ALA C 13 -4.75 20.51 17.12
C ALA C 13 -4.94 21.16 15.76
N GLU C 14 -4.97 22.49 15.71
CA GLU C 14 -5.14 23.17 14.43
C GLU C 14 -3.89 23.04 13.57
N ARG C 15 -2.71 22.96 14.19
CA ARG C 15 -1.49 22.73 13.42
C ARG C 15 -1.51 21.37 12.74
N SER C 16 -1.99 20.35 13.46
CA SER C 16 -2.11 19.01 12.85
C SER C 16 -3.09 19.01 11.70
N LYS C 17 -4.21 19.73 11.85
CA LYS C 17 -5.18 19.83 10.76
C LYS C 17 -4.57 20.52 9.55
N MET C 18 -3.78 21.57 9.78
CA MET C 18 -3.07 22.22 8.68
C MET C 18 -2.10 21.27 8.02
N ILE C 19 -1.37 20.48 8.81
CA ILE C 19 -0.48 19.47 8.25
C ILE C 19 -1.28 18.41 7.51
N ASP C 20 -2.39 17.97 8.10
CA ASP C 20 -3.25 16.98 7.43
C ASP C 20 -3.79 17.52 6.12
N LYS C 21 -4.24 18.78 6.11
CA LYS C 21 -4.74 19.38 4.88
C LYS C 21 -3.63 19.50 3.84
N ASN C 22 -2.45 19.97 4.25
CA ASN C 22 -1.35 20.16 3.31
C ASN C 22 -0.88 18.84 2.71
N LEU C 23 -0.94 17.75 3.48
CA LEU C 23 -0.55 16.44 2.95
C LEU C 23 -1.49 15.96 1.86
N ARG C 24 -2.73 16.47 1.81
CA ARG C 24 -3.68 16.01 0.80
C ARG C 24 -3.26 16.48 -0.59
N GLU C 25 -2.95 17.77 -0.74
CA GLU C 25 -2.53 18.27 -2.05
C GLU C 25 -1.19 17.68 -2.46
N ASP C 26 -0.24 17.61 -1.54
CA ASP C 26 1.08 17.07 -1.87
C ASP C 26 1.02 15.59 -2.20
N GLY C 27 0.03 14.87 -1.65
CA GLY C 27 -0.16 13.47 -1.97
C GLY C 27 -0.96 13.27 -3.24
N GLU C 28 -1.74 14.27 -3.62
CA GLU C 28 -2.51 14.19 -4.86
C GLU C 28 -1.66 14.56 -6.06
N LYS C 29 -0.76 15.54 -5.92
CA LYS C 29 0.15 15.89 -7.00
C LYS C 29 1.24 14.85 -7.20
N ALA C 30 1.46 13.98 -6.21
CA ALA C 30 2.44 12.91 -6.35
C ALA C 30 1.82 11.61 -6.88
N ALA C 31 0.53 11.39 -6.62
CA ALA C 31 -0.16 10.22 -7.14
C ALA C 31 -0.70 10.40 -8.55
N ARG C 32 -0.66 11.62 -9.08
CA ARG C 32 -1.11 11.89 -10.44
C ARG C 32 0.02 11.86 -11.46
N GLU C 33 1.23 11.51 -11.04
CA GLU C 33 2.40 11.48 -11.91
C GLU C 33 2.82 10.03 -12.14
N VAL C 34 3.08 9.69 -13.40
CA VAL C 34 3.45 8.33 -13.76
C VAL C 34 4.86 8.03 -13.25
N LYS C 35 5.01 6.92 -12.55
CA LYS C 35 6.30 6.49 -12.01
C LYS C 35 6.92 5.45 -12.92
N LEU C 36 8.16 5.69 -13.35
CA LEU C 36 8.89 4.79 -14.21
C LEU C 36 10.21 4.41 -13.55
N LEU C 37 10.82 3.34 -14.05
CA LEU C 37 12.07 2.84 -13.49
C LEU C 37 12.90 2.23 -14.61
N LEU C 38 14.18 2.61 -14.67
CA LEU C 38 15.08 2.19 -15.73
C LEU C 38 16.13 1.22 -15.20
N LEU C 39 16.38 0.16 -15.96
CA LEU C 39 17.43 -0.80 -15.62
C LEU C 39 18.32 -1.05 -16.83
N GLY C 40 19.22 -2.02 -16.72
CA GLY C 40 20.15 -2.33 -17.79
C GLY C 40 21.58 -2.00 -17.45
N ALA C 41 22.42 -3.04 -17.32
CA ALA C 41 23.82 -2.87 -16.95
C ALA C 41 24.71 -3.23 -18.13
N GLY C 42 25.79 -2.47 -18.30
CA GLY C 42 26.70 -2.66 -19.39
C GLY C 42 26.56 -1.68 -20.54
N GLU C 43 26.22 -0.42 -20.25
CA GLU C 43 26.00 0.61 -21.27
C GLU C 43 24.96 0.15 -22.29
N SER C 44 23.76 -0.15 -21.77
CA SER C 44 22.66 -0.58 -22.62
C SER C 44 22.03 0.56 -23.39
N GLY C 45 22.25 1.80 -22.97
CA GLY C 45 21.68 2.95 -23.64
C GLY C 45 20.74 3.75 -22.77
N LYS C 46 20.90 3.65 -21.46
CA LYS C 46 20.05 4.38 -20.53
C LYS C 46 20.23 5.89 -20.70
N ASN C 47 21.48 6.35 -20.86
CA ASN C 47 21.72 7.77 -21.04
C ASN C 47 21.09 8.28 -22.32
N THR C 48 21.18 7.51 -23.40
CA THR C 48 20.56 7.91 -24.67
C THR C 48 19.05 7.96 -24.54
N ILE C 49 18.46 7.02 -23.81
CA ILE C 49 17.01 6.97 -23.67
C ILE C 49 16.48 8.21 -22.96
N VAL C 50 17.17 8.64 -21.89
CA VAL C 50 16.72 9.81 -21.13
C VAL C 50 16.71 11.06 -22.00
N LYS C 51 17.56 11.10 -23.02
CA LYS C 51 17.69 12.32 -23.83
C LYS C 51 16.39 12.66 -24.55
N GLN C 52 15.69 11.65 -25.08
CA GLN C 52 14.49 11.91 -25.86
C GLN C 52 13.39 12.55 -24.99
N MET C 53 13.19 12.04 -23.78
CA MET C 53 12.18 12.58 -22.88
C MET C 53 12.78 13.47 -21.80
N LYS C 54 13.83 14.22 -22.14
CA LYS C 54 14.42 15.19 -21.20
C LYS C 54 13.81 16.57 -21.40
N ILE C 55 12.49 16.64 -21.21
CA ILE C 55 11.78 17.91 -21.36
C ILE C 55 12.14 18.86 -20.23
N ILE C 56 12.15 18.35 -19.00
CA ILE C 56 12.48 19.16 -17.84
C ILE C 56 13.72 18.62 -17.15
N GLY C 184 23.07 8.52 -6.69
CA GLY C 184 22.71 7.13 -6.89
C GLY C 184 21.48 6.94 -7.74
N ILE C 185 20.51 7.84 -7.57
CA ILE C 185 19.27 7.80 -8.34
C ILE C 185 19.03 9.19 -8.94
N VAL C 186 18.54 9.20 -10.18
CA VAL C 186 18.31 10.43 -10.92
C VAL C 186 16.82 10.53 -11.25
N GLU C 187 16.22 11.66 -10.92
CA GLU C 187 14.80 11.91 -11.16
C GLU C 187 14.67 12.88 -12.34
N THR C 188 14.46 12.33 -13.53
CA THR C 188 14.29 13.14 -14.73
C THR C 188 12.79 13.28 -15.02
N HIS C 189 12.16 14.14 -14.23
CA HIS C 189 10.73 14.38 -14.40
C HIS C 189 10.45 15.12 -15.71
N PHE C 190 9.40 14.71 -16.40
CA PHE C 190 8.99 15.35 -17.64
C PHE C 190 7.49 15.15 -17.82
N THR C 191 6.90 16.01 -18.66
CA THR C 191 5.48 15.98 -18.94
C THR C 191 5.25 15.87 -20.44
N PHE C 192 4.41 14.91 -20.84
CA PHE C 192 4.08 14.69 -22.23
C PHE C 192 2.57 14.56 -22.37
N LYS C 193 2.00 15.33 -23.31
CA LYS C 193 0.56 15.32 -23.58
C LYS C 193 -0.25 15.56 -22.30
N ASP C 194 0.16 16.58 -21.55
CA ASP C 194 -0.51 17.02 -20.33
C ASP C 194 -0.51 15.97 -19.23
N LEU C 195 0.35 14.96 -19.34
CA LEU C 195 0.48 13.91 -18.33
C LEU C 195 1.92 13.89 -17.82
N HIS C 196 2.07 13.98 -16.50
CA HIS C 196 3.40 14.07 -15.91
C HIS C 196 4.01 12.68 -15.73
N PHE C 197 5.31 12.59 -16.01
CA PHE C 197 6.06 11.35 -15.89
C PHE C 197 7.20 11.54 -14.90
N LYS C 198 7.40 10.54 -14.03
CA LYS C 198 8.54 10.51 -13.12
C LYS C 198 9.43 9.34 -13.52
N MET C 199 10.69 9.64 -13.82
CA MET C 199 11.65 8.65 -14.27
C MET C 199 12.77 8.53 -13.24
N PHE C 200 13.07 7.30 -12.83
CA PHE C 200 14.07 7.04 -11.80
C PHE C 200 15.10 6.06 -12.35
N ASP C 201 16.32 6.53 -12.56
CA ASP C 201 17.41 5.68 -13.03
C ASP C 201 18.21 5.18 -11.85
N VAL C 202 18.46 3.87 -11.80
CA VAL C 202 19.17 3.25 -10.70
C VAL C 202 20.46 2.61 -11.19
N GLY C 203 21.01 3.14 -12.29
CA GLY C 203 22.25 2.61 -12.83
C GLY C 203 23.46 2.88 -11.97
N ALA C 204 23.41 3.91 -11.12
CA ALA C 204 24.52 4.24 -10.25
C ALA C 204 24.57 3.39 -8.99
N GLN C 205 23.55 2.59 -8.73
CA GLN C 205 23.50 1.73 -7.55
C GLN C 205 24.17 0.41 -7.87
N ARG C 206 25.40 0.23 -7.39
CA ARG C 206 26.16 -0.98 -7.62
C ARG C 206 26.01 -2.00 -6.50
N SER C 207 25.19 -1.71 -5.49
CA SER C 207 25.00 -2.62 -4.37
C SER C 207 24.02 -3.73 -4.75
N GLU C 208 23.63 -4.55 -3.77
CA GLU C 208 22.69 -5.63 -4.04
C GLU C 208 21.32 -5.06 -4.40
N ARG C 209 20.73 -5.58 -5.48
CA ARG C 209 19.46 -5.06 -5.95
C ARG C 209 18.29 -5.48 -5.06
N LYS C 210 18.39 -6.66 -4.45
CA LYS C 210 17.26 -7.20 -3.69
C LYS C 210 16.94 -6.38 -2.45
N LYS C 211 17.87 -5.57 -1.96
CA LYS C 211 17.66 -4.82 -0.73
C LYS C 211 16.97 -3.48 -0.96
N TRP C 212 16.82 -3.04 -2.21
CA TRP C 212 16.15 -1.78 -2.50
C TRP C 212 15.17 -1.86 -3.66
N ILE C 213 15.08 -2.99 -4.36
CA ILE C 213 14.14 -3.10 -5.47
C ILE C 213 12.70 -3.15 -4.98
N HIS C 214 12.48 -3.47 -3.70
CA HIS C 214 11.13 -3.47 -3.16
C HIS C 214 10.60 -2.07 -2.93
N CYS C 215 11.48 -1.05 -2.91
CA CYS C 215 11.05 0.33 -2.76
C CYS C 215 10.25 0.81 -3.96
N PHE C 216 10.43 0.21 -5.12
CA PHE C 216 9.75 0.61 -6.34
C PHE C 216 8.46 -0.17 -6.59
N GLU C 217 8.02 -0.97 -5.62
CA GLU C 217 6.76 -1.70 -5.75
C GLU C 217 5.60 -0.72 -5.85
N GLY C 218 4.95 -0.68 -7.02
CA GLY C 218 3.86 0.25 -7.27
C GLY C 218 4.10 1.20 -8.43
N VAL C 219 5.23 1.11 -9.12
CA VAL C 219 5.46 1.97 -10.28
C VAL C 219 4.52 1.58 -11.41
N THR C 220 4.18 2.56 -12.25
CA THR C 220 3.26 2.30 -13.35
C THR C 220 3.85 1.30 -14.34
N ALA C 221 5.12 1.46 -14.69
CA ALA C 221 5.76 0.58 -15.65
C ALA C 221 7.27 0.62 -15.44
N ILE C 222 7.96 -0.37 -16.02
CA ILE C 222 9.40 -0.47 -15.95
C ILE C 222 9.96 -0.30 -17.36
N ILE C 223 10.87 0.65 -17.52
CA ILE C 223 11.49 0.94 -18.81
C ILE C 223 12.84 0.22 -18.83
N PHE C 224 12.88 -0.96 -19.45
CA PHE C 224 14.08 -1.77 -19.52
C PHE C 224 14.76 -1.54 -20.87
N CYS C 225 16.07 -1.30 -20.84
CA CYS C 225 16.84 -0.97 -22.02
C CYS C 225 17.79 -2.11 -22.36
N VAL C 226 17.77 -2.56 -23.61
CA VAL C 226 18.64 -3.61 -24.10
C VAL C 226 19.33 -3.12 -25.37
N ALA C 227 20.62 -3.38 -25.48
CA ALA C 227 21.38 -3.01 -26.67
C ALA C 227 21.33 -4.16 -27.68
N LEU C 228 20.83 -3.86 -28.88
CA LEU C 228 20.78 -4.87 -29.93
C LEU C 228 22.19 -5.32 -30.32
N SER C 229 23.12 -4.39 -30.43
CA SER C 229 24.47 -4.68 -30.87
C SER C 229 25.33 -5.35 -29.79
N ALA C 230 24.76 -5.65 -28.62
CA ALA C 230 25.50 -6.24 -27.52
C ALA C 230 25.51 -7.75 -27.54
N TYR C 231 25.02 -8.37 -28.63
CA TYR C 231 24.99 -9.83 -28.70
C TYR C 231 26.39 -10.43 -28.72
N ASP C 232 27.34 -9.74 -29.36
CA ASP C 232 28.70 -10.23 -29.46
C ASP C 232 29.66 -9.58 -28.47
N LEU C 233 29.24 -8.50 -27.80
CA LEU C 233 30.11 -7.85 -26.84
C LEU C 233 30.18 -8.63 -25.53
N VAL C 234 31.19 -8.31 -24.73
CA VAL C 234 31.48 -9.01 -23.49
C VAL C 234 31.60 -7.98 -22.38
N LEU C 235 31.14 -8.35 -21.18
CA LEU C 235 31.20 -7.44 -20.04
C LEU C 235 32.64 -7.04 -19.74
N ALA C 236 32.81 -5.81 -19.25
CA ALA C 236 34.14 -5.33 -18.88
C ALA C 236 34.66 -6.05 -17.64
N GLU C 237 33.77 -6.40 -16.71
CA GLU C 237 34.21 -7.04 -15.46
C GLU C 237 34.74 -8.45 -15.72
N ASP C 238 33.99 -9.25 -16.47
CA ASP C 238 34.37 -10.63 -16.76
C ASP C 238 34.49 -10.81 -18.27
N GLU C 239 35.58 -11.43 -18.70
CA GLU C 239 35.87 -11.59 -20.12
C GLU C 239 35.19 -12.80 -20.74
N GLU C 240 34.44 -13.59 -19.95
CA GLU C 240 33.78 -14.78 -20.47
C GLU C 240 32.26 -14.71 -20.42
N MET C 241 31.69 -13.57 -20.02
CA MET C 241 30.24 -13.43 -19.91
C MET C 241 29.72 -12.57 -21.06
N ASN C 242 28.73 -13.09 -21.78
CA ASN C 242 28.13 -12.36 -22.88
C ASN C 242 27.29 -11.21 -22.36
N ARG C 243 27.38 -10.06 -23.04
CA ARG C 243 26.62 -8.89 -22.63
C ARG C 243 25.13 -9.10 -22.80
N MET C 244 24.72 -9.70 -23.92
CA MET C 244 23.30 -9.97 -24.14
C MET C 244 22.76 -10.98 -23.14
N HIS C 245 23.54 -12.01 -22.82
CA HIS C 245 23.11 -13.01 -21.85
C HIS C 245 22.96 -12.40 -20.47
N ALA C 246 23.87 -11.50 -20.08
CA ALA C 246 23.75 -10.84 -18.79
C ALA C 246 22.49 -10.00 -18.71
N SER C 247 22.14 -9.31 -19.79
CA SER C 247 20.90 -8.53 -19.82
C SER C 247 19.70 -9.44 -19.69
N MET C 248 19.73 -10.62 -20.32
CA MET C 248 18.63 -11.56 -20.19
C MET C 248 18.47 -12.04 -18.76
N LYS C 249 19.58 -12.29 -18.06
CA LYS C 249 19.50 -12.70 -16.67
C LYS C 249 18.90 -11.59 -15.81
N LEU C 250 19.29 -10.34 -16.07
CA LEU C 250 18.68 -9.22 -15.35
C LEU C 250 17.19 -9.10 -15.70
N PHE C 251 16.85 -9.28 -16.97
CA PHE C 251 15.45 -9.25 -17.38
C PHE C 251 14.65 -10.38 -16.73
N ASP C 252 15.24 -11.58 -16.67
CA ASP C 252 14.57 -12.71 -16.04
C ASP C 252 14.32 -12.45 -14.56
N SER C 253 15.29 -11.85 -13.87
CA SER C 253 15.13 -11.55 -12.45
C SER C 253 14.10 -10.47 -12.19
N ILE C 254 13.71 -9.72 -13.22
CA ILE C 254 12.70 -8.66 -13.05
C ILE C 254 11.31 -9.18 -13.37
N CYS C 255 11.16 -9.96 -14.44
CA CYS C 255 9.86 -10.53 -14.76
C CYS C 255 9.39 -11.48 -13.67
N ASN C 256 10.30 -12.26 -13.09
CA ASN C 256 9.97 -13.19 -12.03
C ASN C 256 10.07 -12.58 -10.65
N ASN C 257 10.37 -11.28 -10.56
CA ASN C 257 10.49 -10.63 -9.27
C ASN C 257 9.13 -10.57 -8.57
N LYS C 258 9.14 -10.82 -7.26
CA LYS C 258 7.90 -10.82 -6.49
C LYS C 258 7.30 -9.44 -6.34
N TRP C 259 8.11 -8.38 -6.47
CA TRP C 259 7.62 -7.02 -6.31
C TRP C 259 7.06 -6.43 -7.60
N PHE C 260 7.22 -7.13 -8.73
CA PHE C 260 6.73 -6.66 -10.02
C PHE C 260 5.90 -7.73 -10.71
N THR C 261 5.04 -8.40 -9.94
CA THR C 261 4.18 -9.43 -10.53
C THR C 261 3.19 -8.83 -11.51
N ASP C 262 2.55 -7.71 -11.15
CA ASP C 262 1.59 -7.05 -12.00
C ASP C 262 2.14 -5.80 -12.68
N THR C 263 3.44 -5.51 -12.52
CA THR C 263 4.05 -4.33 -13.10
C THR C 263 4.52 -4.65 -14.52
N SER C 264 4.04 -3.89 -15.49
CA SER C 264 4.43 -4.08 -16.87
C SER C 264 5.85 -3.57 -17.11
N ILE C 265 6.46 -4.08 -18.18
CA ILE C 265 7.82 -3.69 -18.57
C ILE C 265 7.76 -3.10 -19.97
N ILE C 266 8.30 -1.91 -20.14
CA ILE C 266 8.38 -1.24 -21.44
C ILE C 266 9.79 -1.53 -21.97
N LEU C 267 9.90 -2.62 -22.73
CA LEU C 267 11.20 -3.02 -23.27
C LEU C 267 11.61 -2.09 -24.40
N PHE C 268 12.85 -1.62 -24.34
CA PHE C 268 13.44 -0.80 -25.39
C PHE C 268 14.71 -1.47 -25.91
N LEU C 269 14.78 -1.65 -27.22
CA LEU C 269 15.96 -2.22 -27.87
C LEU C 269 16.75 -1.07 -28.49
N ASN C 270 17.89 -0.76 -27.87
CA ASN C 270 18.66 0.43 -28.23
C ASN C 270 19.68 0.11 -29.31
N LYS C 271 20.19 1.17 -29.93
CA LYS C 271 21.27 1.09 -30.92
C LYS C 271 20.88 0.19 -32.09
N LYS C 272 19.69 0.44 -32.66
CA LYS C 272 19.27 -0.32 -33.83
C LYS C 272 19.99 0.13 -35.09
N ASP C 273 20.42 1.40 -35.15
CA ASP C 273 21.13 1.90 -36.32
C ASP C 273 22.46 1.18 -36.50
N LEU C 274 23.21 0.99 -35.41
CA LEU C 274 24.48 0.28 -35.48
C LEU C 274 24.29 -1.23 -35.52
N PHE C 275 23.14 -1.73 -35.07
CA PHE C 275 22.92 -3.18 -35.04
C PHE C 275 22.87 -3.75 -36.46
N GLU C 276 22.20 -3.07 -37.38
CA GLU C 276 22.08 -3.58 -38.74
C GLU C 276 23.44 -3.59 -39.45
N GLU C 277 24.31 -2.64 -39.13
CA GLU C 277 25.64 -2.64 -39.72
C GLU C 277 26.51 -3.77 -39.19
N LYS C 278 26.32 -4.14 -37.91
CA LYS C 278 27.15 -5.15 -37.28
C LYS C 278 26.60 -6.56 -37.48
N ILE C 279 25.30 -6.72 -37.66
CA ILE C 279 24.71 -8.05 -37.79
C ILE C 279 25.19 -8.73 -39.07
N THR C 280 25.39 -7.97 -40.15
CA THR C 280 25.88 -8.56 -41.39
C THR C 280 27.31 -9.07 -41.24
N HIS C 281 28.16 -8.30 -40.57
CA HIS C 281 29.55 -8.71 -40.40
C HIS C 281 29.69 -9.83 -39.39
N SER C 282 28.99 -9.74 -38.27
CA SER C 282 29.09 -10.72 -37.20
C SER C 282 27.79 -11.49 -37.08
N PRO C 283 27.80 -12.80 -37.28
CA PRO C 283 26.56 -13.58 -37.16
C PRO C 283 26.03 -13.57 -35.73
N LEU C 284 24.70 -13.67 -35.62
CA LEU C 284 24.05 -13.67 -34.33
C LEU C 284 24.12 -15.02 -33.62
N THR C 285 24.51 -16.08 -34.34
CA THR C 285 24.56 -17.41 -33.74
C THR C 285 25.62 -17.54 -32.64
N ILE C 286 26.53 -16.58 -32.52
CA ILE C 286 27.53 -16.64 -31.46
C ILE C 286 26.88 -16.50 -30.09
N CYS C 287 25.83 -15.69 -29.99
CA CYS C 287 25.15 -15.49 -28.72
C CYS C 287 24.20 -16.64 -28.41
N PHE C 288 23.29 -16.95 -29.34
CA PHE C 288 22.38 -18.08 -29.20
C PHE C 288 22.73 -19.14 -30.23
N PRO C 289 23.39 -20.23 -29.84
CA PRO C 289 23.71 -21.28 -30.83
C PRO C 289 22.49 -21.91 -31.47
N GLU C 290 21.39 -22.04 -30.72
CA GLU C 290 20.17 -22.69 -31.24
C GLU C 290 19.29 -21.68 -31.97
N TYR C 291 19.83 -21.15 -33.07
CA TYR C 291 19.09 -20.18 -33.89
C TYR C 291 19.69 -20.20 -35.29
N THR C 292 18.94 -20.75 -36.25
CA THR C 292 19.37 -20.70 -37.64
C THR C 292 19.00 -19.36 -38.27
N GLY C 293 17.71 -19.08 -38.36
CA GLY C 293 17.14 -17.83 -38.83
C GLY C 293 17.73 -17.38 -40.15
N ALA C 294 17.78 -16.06 -40.32
CA ALA C 294 18.38 -15.44 -41.50
C ALA C 294 19.22 -14.26 -41.07
N ASN C 295 20.28 -13.98 -41.82
CA ASN C 295 21.19 -12.88 -41.53
C ASN C 295 20.62 -11.58 -42.11
N LYS C 296 19.52 -11.14 -41.49
CA LYS C 296 18.85 -9.91 -41.89
C LYS C 296 18.54 -9.07 -40.67
N TYR C 297 18.46 -7.76 -40.87
CA TYR C 297 18.18 -6.86 -39.76
C TYR C 297 16.80 -7.12 -39.17
N ASP C 298 15.79 -7.30 -40.02
CA ASP C 298 14.44 -7.54 -39.52
C ASP C 298 14.33 -8.90 -38.84
N GLU C 299 14.95 -9.93 -39.42
CA GLU C 299 14.88 -11.26 -38.82
C GLU C 299 15.61 -11.32 -37.49
N ALA C 300 16.78 -10.69 -37.41
CA ALA C 300 17.55 -10.71 -36.16
C ALA C 300 16.86 -9.92 -35.07
N ALA C 301 16.31 -8.75 -35.41
CA ALA C 301 15.62 -7.94 -34.40
C ALA C 301 14.37 -8.63 -33.88
N SER C 302 13.62 -9.29 -34.77
CA SER C 302 12.41 -9.99 -34.34
C SER C 302 12.74 -11.14 -33.40
N TYR C 303 13.80 -11.90 -33.70
CA TYR C 303 14.17 -13.02 -32.86
C TYR C 303 14.59 -12.56 -31.46
N ILE C 304 15.36 -11.47 -31.39
CA ILE C 304 15.74 -10.90 -30.10
C ILE C 304 14.50 -10.41 -29.36
N GLN C 305 13.59 -9.74 -30.08
CA GLN C 305 12.34 -9.29 -29.47
C GLN C 305 11.53 -10.47 -28.94
N SER C 306 11.43 -11.54 -29.72
CA SER C 306 10.68 -12.70 -29.28
C SER C 306 11.35 -13.39 -28.10
N LYS C 307 12.68 -13.48 -28.12
CA LYS C 307 13.39 -14.22 -27.07
C LYS C 307 13.17 -13.59 -25.71
N PHE C 308 13.18 -12.26 -25.63
CA PHE C 308 12.90 -11.59 -24.36
C PHE C 308 11.48 -11.85 -23.91
N GLU C 309 10.51 -11.83 -24.84
CA GLU C 309 9.12 -12.05 -24.48
C GLU C 309 8.89 -13.46 -23.95
N ASP C 310 9.51 -14.47 -24.58
CA ASP C 310 9.36 -15.83 -24.09
C ASP C 310 10.04 -16.05 -22.74
N LEU C 311 11.00 -15.19 -22.39
CA LEU C 311 11.65 -15.31 -21.09
C LEU C 311 10.70 -14.97 -19.94
N ASN C 312 9.63 -14.23 -20.21
CA ASN C 312 8.65 -13.91 -19.18
C ASN C 312 7.88 -15.17 -18.77
N LYS C 313 7.58 -15.27 -17.48
CA LYS C 313 6.81 -16.38 -16.95
C LYS C 313 5.46 -15.97 -16.36
N ARG C 314 5.28 -14.69 -16.02
CA ARG C 314 4.01 -14.20 -15.48
C ARG C 314 3.14 -13.67 -16.62
N LYS C 315 2.68 -14.60 -17.45
CA LYS C 315 1.83 -14.26 -18.58
C LYS C 315 0.40 -14.01 -18.12
N ASP C 316 -0.38 -13.37 -18.99
CA ASP C 316 -1.80 -13.05 -18.83
C ASP C 316 -2.05 -12.01 -17.74
N THR C 317 -1.00 -11.53 -17.05
CA THR C 317 -1.15 -10.49 -16.05
C THR C 317 -0.30 -9.26 -16.30
N LYS C 318 0.75 -9.36 -17.12
CA LYS C 318 1.59 -8.23 -17.47
C LYS C 318 1.87 -8.26 -18.96
N GLU C 319 2.12 -7.08 -19.53
CA GLU C 319 2.41 -6.94 -20.95
C GLU C 319 3.78 -6.30 -21.11
N ILE C 320 4.61 -6.90 -21.96
CA ILE C 320 5.96 -6.40 -22.21
C ILE C 320 5.89 -5.62 -23.53
N TYR C 321 5.68 -4.32 -23.42
CA TYR C 321 5.67 -3.46 -24.59
C TYR C 321 7.09 -3.29 -25.12
N THR C 322 7.27 -3.49 -26.42
CA THR C 322 8.59 -3.48 -27.03
C THR C 322 8.63 -2.45 -28.16
N HIS C 323 9.74 -1.71 -28.22
CA HIS C 323 9.94 -0.71 -29.26
C HIS C 323 11.42 -0.60 -29.56
N PHE C 324 11.73 -0.09 -30.74
CA PHE C 324 13.10 0.12 -31.18
C PHE C 324 13.44 1.60 -31.16
N THR C 325 14.61 1.93 -30.63
CA THR C 325 15.02 3.33 -30.51
C THR C 325 15.22 3.94 -31.90
N CYS C 326 14.61 5.10 -32.12
CA CYS C 326 14.69 5.80 -33.39
C CYS C 326 15.19 7.22 -33.16
N SER C 327 16.06 7.68 -34.06
CA SER C 327 16.60 9.04 -33.96
C SER C 327 15.56 10.11 -34.28
N THR C 328 14.43 9.74 -34.86
CA THR C 328 13.39 10.71 -35.18
C THR C 328 12.78 11.27 -33.90
N ASP C 329 12.31 12.51 -34.00
CA ASP C 329 11.75 13.20 -32.84
C ASP C 329 10.43 12.57 -32.41
N THR C 330 10.12 12.71 -31.11
CA THR C 330 8.85 12.30 -30.50
C THR C 330 8.42 10.88 -30.90
N LYS C 331 9.38 10.04 -31.26
CA LYS C 331 9.10 8.65 -31.60
C LYS C 331 9.11 7.77 -30.37
N ASN C 332 10.23 7.74 -29.64
CA ASN C 332 10.29 6.97 -28.40
C ASN C 332 9.43 7.60 -27.32
N VAL C 333 9.26 8.92 -27.36
CA VAL C 333 8.41 9.59 -26.39
C VAL C 333 6.96 9.15 -26.54
N GLN C 334 6.49 9.04 -27.80
CA GLN C 334 5.11 8.63 -28.04
C GLN C 334 4.87 7.20 -27.57
N PHE C 335 5.83 6.30 -27.78
CA PHE C 335 5.66 4.92 -27.35
C PHE C 335 5.52 4.82 -25.84
N VAL C 336 6.32 5.60 -25.10
CA VAL C 336 6.23 5.58 -23.64
C VAL C 336 4.85 6.04 -23.19
N PHE C 337 4.35 7.13 -23.80
CA PHE C 337 3.00 7.60 -23.48
C PHE C 337 1.95 6.57 -23.87
N ASP C 338 2.10 5.96 -25.05
CA ASP C 338 1.13 4.96 -25.49
C ASP C 338 1.16 3.72 -24.61
N ALA C 339 2.35 3.26 -24.24
CA ALA C 339 2.44 2.08 -23.39
C ALA C 339 1.90 2.36 -21.99
N VAL C 340 2.23 3.53 -21.43
CA VAL C 340 1.74 3.87 -20.09
C VAL C 340 0.22 4.04 -20.11
N THR C 341 -0.33 4.59 -21.20
CA THR C 341 -1.77 4.78 -21.29
C THR C 341 -2.50 3.45 -21.22
N ASP C 342 -1.97 2.42 -21.88
CA ASP C 342 -2.58 1.09 -21.80
C ASP C 342 -2.49 0.53 -20.38
N VAL C 343 -1.36 0.76 -19.70
CA VAL C 343 -1.22 0.28 -18.33
C VAL C 343 -2.17 1.00 -17.39
N ILE C 344 -2.36 2.31 -17.59
CA ILE C 344 -3.31 3.06 -16.77
C ILE C 344 -4.71 2.50 -16.95
N ILE C 345 -5.08 2.16 -18.18
CA ILE C 345 -6.37 1.51 -18.41
C ILE C 345 -6.43 0.17 -17.68
N LYS C 346 -5.35 -0.61 -17.74
CA LYS C 346 -5.30 -1.87 -17.01
C LYS C 346 -5.41 -1.65 -15.51
N ASN C 347 -4.69 -0.64 -14.99
CA ASN C 347 -4.77 -0.34 -13.56
C ASN C 347 -6.16 0.15 -13.18
N ASN C 348 -6.75 1.02 -14.01
CA ASN C 348 -8.09 1.52 -13.71
C ASN C 348 -9.13 0.42 -13.77
N LEU C 349 -9.05 -0.45 -14.79
CA LEU C 349 -10.01 -1.54 -14.89
C LEU C 349 -9.81 -2.58 -13.80
N LYS C 350 -8.57 -2.82 -13.39
CA LYS C 350 -8.30 -3.77 -12.31
C LYS C 350 -8.93 -3.29 -11.00
N ASP C 351 -8.80 -1.99 -10.70
CA ASP C 351 -9.41 -1.44 -9.50
C ASP C 351 -10.92 -1.31 -9.61
N CYS C 352 -11.46 -1.36 -10.82
CA CYS C 352 -12.90 -1.26 -11.04
C CYS C 352 -13.60 -2.61 -11.05
N GLY C 353 -12.85 -3.70 -10.86
CA GLY C 353 -13.43 -5.02 -10.82
C GLY C 353 -13.57 -5.72 -12.16
N LEU C 354 -13.25 -5.04 -13.26
CA LEU C 354 -13.37 -5.66 -14.58
C LEU C 354 -12.23 -6.64 -14.86
N PHE C 355 -11.12 -6.54 -14.16
CA PHE C 355 -10.00 -7.45 -14.35
C PHE C 355 -9.82 -8.38 -13.15
N GLU D 14 51.95 -14.46 -2.22
CA GLU D 14 51.81 -15.20 -0.97
C GLU D 14 50.35 -15.50 -0.67
N LEU D 15 49.57 -15.71 -1.73
CA LEU D 15 48.14 -16.01 -1.55
C LEU D 15 47.94 -17.33 -0.82
N ASP D 16 48.72 -18.35 -1.18
CA ASP D 16 48.59 -19.64 -0.51
C ASP D 16 48.98 -19.53 0.97
N GLN D 17 50.07 -18.82 1.26
CA GLN D 17 50.46 -18.61 2.66
C GLN D 17 49.43 -17.77 3.41
N LEU D 18 48.89 -16.74 2.77
CA LEU D 18 47.90 -15.89 3.42
C LEU D 18 46.61 -16.67 3.67
N ARG D 19 46.21 -17.53 2.75
CA ARG D 19 45.01 -18.34 2.94
C ARG D 19 45.16 -19.26 4.14
N GLN D 20 46.34 -19.89 4.28
CA GLN D 20 46.60 -20.71 5.45
C GLN D 20 46.63 -19.86 6.72
N GLU D 21 47.26 -18.69 6.64
CA GLU D 21 47.28 -17.79 7.79
C GLU D 21 45.88 -17.32 8.17
N ALA D 22 45.06 -17.00 7.17
CA ALA D 22 43.68 -16.59 7.45
C ALA D 22 42.88 -17.73 8.07
N GLU D 23 43.10 -18.96 7.59
CA GLU D 23 42.34 -20.10 8.11
C GLU D 23 42.69 -20.41 9.56
N GLN D 24 43.98 -20.36 9.91
CA GLN D 24 44.40 -20.74 11.25
C GLN D 24 43.88 -19.77 12.29
N LEU D 25 43.88 -18.47 11.99
CA LEU D 25 43.27 -17.51 12.91
C LEU D 25 41.78 -17.76 13.06
N LYS D 26 41.07 -18.01 11.95
CA LYS D 26 39.64 -18.29 12.03
C LYS D 26 39.37 -19.56 12.83
N ASN D 27 40.20 -20.59 12.63
CA ASN D 27 40.08 -21.78 13.46
C ASN D 27 40.42 -21.47 14.91
N GLN D 28 41.40 -20.60 15.14
CA GLN D 28 41.75 -20.21 16.50
C GLN D 28 40.61 -19.49 17.19
N ILE D 29 39.88 -18.65 16.45
CA ILE D 29 38.73 -17.96 17.02
C ILE D 29 37.66 -18.97 17.42
N ARG D 30 37.39 -19.95 16.55
CA ARG D 30 36.39 -20.97 16.88
C ARG D 30 36.86 -21.86 18.01
N ASP D 31 38.14 -22.25 18.01
CA ASP D 31 38.66 -23.09 19.08
C ASP D 31 38.64 -22.38 20.42
N ALA D 32 39.02 -21.09 20.43
CA ALA D 32 38.95 -20.32 21.66
C ALA D 32 37.51 -20.16 22.12
N ARG D 33 36.59 -19.93 21.18
CA ARG D 33 35.18 -19.84 21.54
C ARG D 33 34.65 -21.15 22.10
N LYS D 34 35.06 -22.28 21.51
CA LYS D 34 34.55 -23.57 21.94
C LYS D 34 34.95 -23.86 23.39
N ALA D 35 36.19 -23.54 23.76
CA ALA D 35 36.62 -23.71 25.14
C ALA D 35 35.86 -22.77 26.06
N CYS D 36 35.62 -21.53 25.61
CA CYS D 36 34.90 -20.55 26.41
C CYS D 36 33.44 -20.92 26.61
N ALA D 37 32.86 -21.71 25.70
CA ALA D 37 31.44 -22.05 25.78
C ALA D 37 31.23 -23.20 26.75
N ASP D 38 30.46 -22.95 27.81
CA ASP D 38 30.08 -23.99 28.77
C ASP D 38 28.67 -24.48 28.54
N ALA D 39 27.69 -23.57 28.55
CA ALA D 39 26.29 -23.94 28.36
C ALA D 39 25.53 -22.74 27.82
N THR D 40 24.40 -23.03 27.19
CA THR D 40 23.58 -22.00 26.59
C THR D 40 22.84 -21.19 27.66
N LEU D 41 22.47 -19.96 27.29
CA LEU D 41 21.68 -19.13 28.19
C LEU D 41 20.31 -19.73 28.44
N SER D 42 19.71 -20.34 27.41
CA SER D 42 18.40 -20.96 27.57
C SER D 42 18.42 -22.09 28.59
N GLN D 43 19.54 -22.81 28.68
CA GLN D 43 19.63 -23.92 29.64
C GLN D 43 19.63 -23.42 31.07
N ILE D 44 20.30 -22.30 31.35
CA ILE D 44 20.45 -21.81 32.70
C ILE D 44 19.31 -20.88 33.08
N THR D 45 18.35 -20.73 32.17
CA THR D 45 17.16 -19.93 32.43
C THR D 45 15.91 -20.77 32.62
N ASN D 46 16.05 -22.11 32.65
CA ASN D 46 14.90 -22.96 32.95
C ASN D 46 14.22 -22.55 34.24
N ASN D 47 15.01 -22.10 35.22
CA ASN D 47 14.45 -21.78 36.54
C ASN D 47 13.65 -20.48 36.52
N ILE D 48 14.10 -19.49 35.75
CA ILE D 48 13.45 -18.18 35.81
C ILE D 48 12.00 -18.30 35.36
N ASP D 49 11.14 -17.49 35.97
CA ASP D 49 9.71 -17.55 35.69
C ASP D 49 9.42 -16.99 34.30
N PRO D 50 8.73 -17.73 33.44
CA PRO D 50 8.27 -17.15 32.17
C PRO D 50 7.45 -15.89 32.43
N VAL D 51 7.66 -14.87 31.59
CA VAL D 51 6.98 -13.60 31.79
C VAL D 51 5.48 -13.77 31.63
N GLY D 52 5.06 -14.67 30.72
CA GLY D 52 3.65 -14.99 30.54
C GLY D 52 3.19 -14.65 29.13
N ARG D 53 1.96 -14.17 29.04
CA ARG D 53 1.36 -13.74 27.78
C ARG D 53 1.29 -12.22 27.80
N ILE D 54 2.27 -11.57 27.18
CA ILE D 54 2.29 -10.11 27.12
C ILE D 54 1.38 -9.71 25.98
N GLN D 55 0.10 -9.51 26.27
CA GLN D 55 -0.89 -9.16 25.26
C GLN D 55 -0.90 -7.64 25.13
N MET D 56 -0.23 -7.13 24.11
CA MET D 56 -0.12 -5.69 23.90
C MET D 56 -1.19 -5.23 22.92
N ARG D 57 -1.78 -4.08 23.22
CA ARG D 57 -2.90 -3.55 22.46
C ARG D 57 -2.48 -2.25 21.80
N THR D 58 -3.23 -1.87 20.77
CA THR D 58 -2.93 -0.67 19.99
C THR D 58 -3.69 0.49 20.62
N ARG D 59 -3.01 1.22 21.50
CA ARG D 59 -3.64 2.36 22.16
C ARG D 59 -3.87 3.51 21.20
N ARG D 60 -2.87 3.82 20.38
CA ARG D 60 -2.94 4.92 19.43
C ARG D 60 -2.57 4.44 18.04
N THR D 61 -3.32 4.88 17.04
CA THR D 61 -3.05 4.58 15.64
C THR D 61 -2.71 5.88 14.93
N LEU D 62 -1.55 5.92 14.29
CA LEU D 62 -1.07 7.10 13.59
C LEU D 62 -1.28 6.92 12.09
N ARG D 63 -2.02 7.84 11.48
CA ARG D 63 -2.32 7.78 10.06
C ARG D 63 -2.13 9.16 9.44
N GLY D 64 -1.86 9.16 8.13
CA GLY D 64 -1.62 10.40 7.41
C GLY D 64 -0.60 10.24 6.32
N HIS D 65 0.24 9.21 6.41
CA HIS D 65 1.17 8.90 5.33
C HIS D 65 0.42 8.31 4.14
N LEU D 66 0.99 8.49 2.95
CA LEU D 66 0.35 8.04 1.72
C LEU D 66 1.26 7.11 0.92
N ALA D 67 2.19 6.44 1.59
CA ALA D 67 3.09 5.50 0.93
C ALA D 67 3.62 4.52 1.99
N LYS D 68 4.45 3.58 1.54
CA LYS D 68 5.05 2.62 2.45
C LYS D 68 6.01 3.31 3.40
N ILE D 69 5.98 2.91 4.66
CA ILE D 69 6.81 3.49 5.70
C ILE D 69 7.96 2.53 5.99
N TYR D 70 9.19 3.04 5.90
CA TYR D 70 10.38 2.21 5.95
C TYR D 70 11.14 2.28 7.27
N ALA D 71 11.06 3.40 7.98
CA ALA D 71 11.81 3.53 9.22
C ALA D 71 11.10 4.47 10.18
N MET D 72 11.41 4.31 11.46
CA MET D 72 10.90 5.18 12.51
C MET D 72 11.90 5.17 13.66
N HIS D 73 11.83 6.21 14.49
CA HIS D 73 12.75 6.33 15.62
C HIS D 73 12.01 6.97 16.79
N TRP D 74 12.37 6.54 18.00
CA TRP D 74 11.79 7.07 19.23
C TRP D 74 12.77 8.03 19.89
N GLY D 75 12.27 9.19 20.29
CA GLY D 75 13.11 10.17 20.95
C GLY D 75 13.29 9.89 22.44
N THR D 76 14.21 10.65 23.04
CA THR D 76 14.44 10.53 24.47
C THR D 76 13.23 11.00 25.28
N ASP D 77 12.48 11.97 24.76
CA ASP D 77 11.28 12.42 25.44
C ASP D 77 10.23 11.31 25.50
N SER D 78 10.28 10.39 24.54
CA SER D 78 9.32 9.29 24.41
C SER D 78 7.91 9.76 24.08
N ARG D 79 7.78 11.02 23.65
CA ARG D 79 6.51 11.57 23.19
C ARG D 79 6.52 11.89 21.70
N LEU D 80 7.64 12.41 21.18
CA LEU D 80 7.76 12.77 19.78
C LEU D 80 8.58 11.71 19.05
N LEU D 81 8.04 11.19 17.97
CA LEU D 81 8.73 10.20 17.14
C LEU D 81 8.65 10.63 15.67
N VAL D 82 9.67 10.25 14.91
CA VAL D 82 9.80 10.62 13.51
C VAL D 82 9.63 9.37 12.66
N SER D 83 8.87 9.51 11.57
CA SER D 83 8.60 8.41 10.66
C SER D 83 8.94 8.83 9.23
N ALA D 84 9.58 7.92 8.50
CA ALA D 84 9.96 8.15 7.11
C ALA D 84 9.13 7.26 6.21
N SER D 85 8.52 7.85 5.19
CA SER D 85 7.67 7.12 4.25
C SER D 85 8.08 7.48 2.83
N GLN D 86 7.80 6.56 1.91
CA GLN D 86 8.20 6.70 0.51
C GLN D 86 7.42 7.77 -0.25
N ASP D 87 6.59 8.57 0.41
CA ASP D 87 5.86 9.64 -0.24
C ASP D 87 6.64 10.95 -0.29
N GLY D 88 7.88 10.96 0.20
CA GLY D 88 8.68 12.15 0.21
C GLY D 88 8.40 13.10 1.36
N LYS D 89 7.70 12.66 2.40
CA LYS D 89 7.36 13.50 3.53
C LYS D 89 7.88 12.86 4.81
N LEU D 90 8.48 13.68 5.67
CA LEU D 90 8.95 13.26 6.99
C LEU D 90 8.06 13.94 8.03
N ILE D 91 7.45 13.13 8.89
CA ILE D 91 6.45 13.61 9.85
C ILE D 91 6.98 13.38 11.26
N ILE D 92 6.98 14.43 12.07
CA ILE D 92 7.32 14.34 13.48
C ILE D 92 6.02 14.13 14.23
N TRP D 93 5.75 12.88 14.60
CA TRP D 93 4.48 12.52 15.22
C TRP D 93 4.48 12.87 16.70
N ASP D 94 3.29 13.16 17.23
CA ASP D 94 3.07 13.36 18.66
C ASP D 94 2.17 12.21 19.13
N SER D 95 2.81 11.15 19.64
CA SER D 95 2.08 9.94 19.99
C SER D 95 1.09 10.17 21.13
N TYR D 96 1.38 11.14 22.01
CA TYR D 96 0.49 11.37 23.15
C TYR D 96 -0.87 11.87 22.70
N THR D 97 -0.91 12.76 21.71
CA THR D 97 -2.16 13.35 21.25
C THR D 97 -2.52 13.01 19.81
N THR D 98 -1.73 12.15 19.16
CA THR D 98 -1.95 11.77 17.76
C THR D 98 -2.01 13.00 16.86
N ASN D 99 -0.93 13.78 16.91
CA ASN D 99 -0.82 15.02 16.14
C ASN D 99 0.50 15.01 15.38
N LYS D 100 0.47 15.64 14.20
CA LYS D 100 1.67 15.79 13.37
C LYS D 100 2.29 17.13 13.70
N VAL D 101 3.38 17.11 14.47
CA VAL D 101 4.02 18.35 14.89
C VAL D 101 4.65 19.05 13.70
N HIS D 102 5.40 18.32 12.87
CA HIS D 102 6.06 18.88 11.72
C HIS D 102 5.89 17.97 10.52
N ALA D 103 5.82 18.57 9.33
CA ALA D 103 5.80 17.86 8.07
C ALA D 103 6.98 18.34 7.24
N ILE D 104 7.99 17.48 7.09
CA ILE D 104 9.24 17.83 6.42
C ILE D 104 9.20 17.26 5.01
N PRO D 105 9.12 18.10 3.97
CA PRO D 105 9.22 17.58 2.61
C PRO D 105 10.64 17.17 2.27
N LEU D 106 10.75 16.16 1.40
CA LEU D 106 12.04 15.61 0.99
C LEU D 106 12.27 15.87 -0.49
N ARG D 107 13.51 16.23 -0.84
CA ARG D 107 13.87 16.39 -2.24
C ARG D 107 13.77 15.07 -2.99
N SER D 108 14.20 13.98 -2.37
CA SER D 108 14.08 12.64 -2.94
C SER D 108 13.11 11.83 -2.10
N SER D 109 12.08 11.29 -2.74
CA SER D 109 11.06 10.51 -2.04
C SER D 109 11.54 9.12 -1.66
N TRP D 110 12.69 8.68 -2.16
CA TRP D 110 13.20 7.33 -1.90
C TRP D 110 14.00 7.33 -0.59
N VAL D 111 13.27 7.41 0.51
CA VAL D 111 13.83 7.39 1.85
C VAL D 111 13.57 6.03 2.47
N MET D 112 14.60 5.45 3.09
CA MET D 112 14.48 4.15 3.74
C MET D 112 15.00 4.16 5.18
N THR D 113 15.47 5.30 5.68
CA THR D 113 15.92 5.39 7.07
C THR D 113 15.63 6.78 7.60
N CYS D 114 15.53 6.87 8.92
CA CYS D 114 15.34 8.14 9.59
C CYS D 114 15.91 8.06 10.99
N ALA D 115 16.25 9.23 11.54
CA ALA D 115 16.82 9.29 12.87
C ALA D 115 16.32 10.55 13.57
N TYR D 116 16.34 10.52 14.89
CA TYR D 116 15.93 11.65 15.72
C TYR D 116 17.01 11.88 16.76
N ALA D 117 17.45 13.13 16.89
CA ALA D 117 18.53 13.44 17.81
C ALA D 117 18.10 13.17 19.25
N PRO D 118 19.00 12.64 20.09
CA PRO D 118 18.64 12.42 21.50
C PRO D 118 18.24 13.70 22.21
N SER D 119 18.87 14.82 21.87
CA SER D 119 18.47 16.12 22.41
C SER D 119 17.25 16.71 21.72
N GLY D 120 16.86 16.19 20.56
CA GLY D 120 15.68 16.64 19.88
C GLY D 120 15.85 17.87 19.01
N ASN D 121 17.08 18.17 18.59
CA ASN D 121 17.32 19.36 17.77
C ASN D 121 17.32 19.07 16.28
N TYR D 122 17.78 17.88 15.87
CA TYR D 122 17.96 17.57 14.46
C TYR D 122 17.36 16.20 14.14
N VAL D 123 17.01 16.02 12.86
CA VAL D 123 16.57 14.75 12.34
C VAL D 123 17.31 14.47 11.04
N ALA D 124 17.45 13.19 10.70
CA ALA D 124 18.13 12.77 9.50
C ALA D 124 17.26 11.78 8.72
N CYS D 125 17.53 11.70 7.42
CA CYS D 125 16.82 10.75 6.57
C CYS D 125 17.67 10.46 5.33
N GLY D 126 18.20 9.25 5.25
CA GLY D 126 18.96 8.81 4.11
C GLY D 126 18.14 7.95 3.16
N GLY D 127 18.80 7.46 2.12
CA GLY D 127 18.11 6.62 1.15
C GLY D 127 18.94 6.42 -0.10
N LEU D 128 18.24 6.17 -1.20
CA LEU D 128 18.89 5.90 -2.49
C LEU D 128 19.59 7.12 -3.07
N ASP D 129 19.34 8.31 -2.54
CA ASP D 129 19.91 9.54 -3.08
C ASP D 129 21.31 9.83 -2.55
N ASN D 130 21.83 8.99 -1.64
CA ASN D 130 23.17 9.17 -1.06
C ASN D 130 23.28 10.49 -0.29
N ILE D 131 22.16 11.00 0.20
CA ILE D 131 22.11 12.26 0.94
C ILE D 131 21.54 11.99 2.32
N CYS D 132 22.28 12.35 3.36
CA CYS D 132 21.80 12.30 4.73
C CYS D 132 21.39 13.71 5.14
N SER D 133 20.20 14.11 4.73
CA SER D 133 19.73 15.46 4.99
C SER D 133 19.43 15.65 6.47
N ILE D 134 19.94 16.75 7.03
CA ILE D 134 19.74 17.10 8.44
C ILE D 134 18.82 18.30 8.49
N TYR D 135 17.76 18.21 9.29
CA TYR D 135 16.76 19.25 9.41
C TYR D 135 16.70 19.76 10.83
N ASN D 136 16.60 21.08 10.99
CA ASN D 136 16.47 21.70 12.29
C ASN D 136 14.99 21.73 12.68
N LEU D 137 14.70 21.29 13.91
CA LEU D 137 13.31 21.17 14.33
C LEU D 137 12.68 22.54 14.60
N LYS D 138 13.41 23.43 15.28
CA LYS D 138 12.82 24.70 15.69
C LYS D 138 12.65 25.64 14.50
N THR D 139 13.76 26.04 13.88
CA THR D 139 13.77 26.97 12.75
C THR D 139 12.88 28.19 13.03
N ARG D 140 13.30 28.97 14.03
CA ARG D 140 12.51 30.11 14.47
C ARG D 140 12.29 31.14 13.37
N GLU D 141 13.14 31.14 12.34
CA GLU D 141 12.98 32.08 11.23
C GLU D 141 11.85 31.70 10.28
N GLY D 142 11.31 30.48 10.38
CA GLY D 142 10.25 30.06 9.49
C GLY D 142 9.85 28.61 9.68
N ASN D 143 9.75 27.86 8.58
CA ASN D 143 9.42 26.45 8.64
C ASN D 143 10.69 25.62 8.65
N VAL D 144 10.53 24.29 8.69
CA VAL D 144 11.67 23.39 8.73
C VAL D 144 12.43 23.48 7.42
N ARG D 145 13.76 23.61 7.51
CA ARG D 145 14.61 23.74 6.35
C ARG D 145 15.83 22.83 6.49
N VAL D 146 16.43 22.50 5.35
CA VAL D 146 17.60 21.63 5.34
C VAL D 146 18.78 22.36 5.95
N SER D 147 19.48 21.71 6.88
CA SER D 147 20.65 22.27 7.53
C SER D 147 21.94 21.79 6.90
N ARG D 148 22.07 20.48 6.66
CA ARG D 148 23.26 19.93 6.04
C ARG D 148 22.88 18.75 5.17
N GLU D 149 23.68 18.50 4.14
CA GLU D 149 23.46 17.40 3.20
C GLU D 149 24.77 16.61 3.09
N LEU D 150 24.83 15.45 3.75
CA LEU D 150 26.01 14.63 3.74
C LEU D 150 26.04 13.76 2.48
N ALA D 151 27.03 13.99 1.62
CA ALA D 151 27.16 13.29 0.35
C ALA D 151 28.58 12.74 0.24
N GLY D 152 28.79 11.54 0.77
CA GLY D 152 30.08 10.89 0.67
C GLY D 152 29.97 9.38 0.51
N HIS D 153 28.75 8.90 0.30
CA HIS D 153 28.48 7.47 0.18
C HIS D 153 28.11 7.12 -1.26
N THR D 154 28.46 5.91 -1.67
CA THR D 154 28.18 5.41 -3.00
C THR D 154 27.12 4.31 -2.99
N GLY D 155 26.25 4.31 -1.99
CA GLY D 155 25.20 3.31 -1.89
C GLY D 155 24.07 3.82 -1.03
N TYR D 156 22.94 3.11 -1.13
CA TYR D 156 21.75 3.50 -0.40
C TYR D 156 22.01 3.53 1.10
N LEU D 157 21.57 4.61 1.75
CA LEU D 157 21.76 4.78 3.19
C LEU D 157 20.74 3.90 3.90
N SER D 158 21.18 2.71 4.32
CA SER D 158 20.26 1.74 4.91
C SER D 158 19.78 2.19 6.29
N CYS D 159 20.69 2.70 7.12
CA CYS D 159 20.32 3.12 8.46
C CYS D 159 21.26 4.21 8.94
N CYS D 160 20.72 5.17 9.68
CA CYS D 160 21.49 6.25 10.29
C CYS D 160 20.94 6.53 11.68
N ARG D 161 21.84 6.79 12.62
CA ARG D 161 21.45 7.07 13.99
C ARG D 161 22.25 8.25 14.52
N PHE D 162 21.59 9.12 15.26
CA PHE D 162 22.25 10.28 15.86
C PHE D 162 23.05 9.86 17.08
N LEU D 163 24.33 10.20 17.09
CA LEU D 163 25.18 9.95 18.26
C LEU D 163 25.16 11.13 19.21
N ASP D 164 25.53 12.31 18.72
CA ASP D 164 25.43 13.55 19.48
C ASP D 164 24.73 14.61 18.65
N ASP D 165 24.73 15.85 19.12
CA ASP D 165 24.16 16.95 18.35
C ASP D 165 25.02 17.33 17.16
N ASN D 166 26.24 16.80 17.06
CA ASN D 166 27.16 17.16 15.98
C ASN D 166 27.65 15.94 15.23
N GLN D 167 27.68 14.79 15.88
CA GLN D 167 28.22 13.56 15.30
C GLN D 167 27.07 12.61 14.98
N ILE D 168 27.07 12.05 13.78
CA ILE D 168 26.08 11.09 13.33
C ILE D 168 26.78 9.99 12.55
N VAL D 169 26.37 8.74 12.77
CA VAL D 169 26.91 7.59 12.08
C VAL D 169 25.84 7.04 11.14
N THR D 170 26.22 6.79 9.89
CA THR D 170 25.30 6.32 8.86
C THR D 170 25.84 5.06 8.22
N SER D 171 24.95 4.11 7.95
CA SER D 171 25.29 2.88 7.25
C SER D 171 24.77 2.97 5.82
N SER D 172 25.62 2.59 4.86
CA SER D 172 25.29 2.70 3.46
C SER D 172 25.44 1.34 2.77
N GLY D 173 25.00 1.28 1.52
CA GLY D 173 25.09 0.08 0.72
C GLY D 173 26.43 -0.21 0.11
N ASP D 174 27.41 0.67 0.31
CA ASP D 174 28.75 0.48 -0.21
C ASP D 174 29.63 -0.39 0.68
N THR D 175 29.02 -1.17 1.57
CA THR D 175 29.70 -2.05 2.51
C THR D 175 30.60 -1.31 3.47
N THR D 176 30.40 0.00 3.65
CA THR D 176 31.18 0.81 4.57
C THR D 176 30.25 1.63 5.46
N CYS D 177 30.71 1.89 6.67
CA CYS D 177 30.03 2.76 7.61
C CYS D 177 30.88 4.01 7.85
N ALA D 178 30.21 5.16 7.98
CA ALA D 178 30.89 6.44 8.11
C ALA D 178 30.33 7.22 9.28
N LEU D 179 31.22 7.92 9.99
CA LEU D 179 30.83 8.85 11.04
C LEU D 179 30.97 10.27 10.51
N TRP D 180 29.95 11.08 10.70
CA TRP D 180 29.86 12.39 10.08
C TRP D 180 29.84 13.49 11.12
N ASP D 181 30.29 14.68 10.72
CA ASP D 181 30.19 15.88 11.52
C ASP D 181 29.22 16.85 10.84
N ILE D 182 28.22 17.29 11.58
CA ILE D 182 27.15 18.09 10.98
C ILE D 182 27.67 19.44 10.51
N GLU D 183 28.45 20.12 11.35
CA GLU D 183 28.91 21.46 11.02
C GLU D 183 29.82 21.46 9.80
N THR D 184 30.76 20.51 9.73
CA THR D 184 31.71 20.47 8.62
C THR D 184 31.21 19.66 7.43
N GLY D 185 30.31 18.71 7.66
CA GLY D 185 29.84 17.87 6.57
C GLY D 185 30.91 16.99 5.97
N GLN D 186 31.83 16.51 6.79
CA GLN D 186 32.94 15.68 6.34
C GLN D 186 32.99 14.40 7.15
N GLN D 187 33.37 13.31 6.49
CA GLN D 187 33.48 12.00 7.14
C GLN D 187 34.62 12.04 8.15
N THR D 188 34.28 12.03 9.44
CA THR D 188 35.30 12.00 10.48
C THR D 188 36.12 10.71 10.40
N THR D 189 35.45 9.58 10.22
CA THR D 189 36.13 8.30 10.06
C THR D 189 35.25 7.38 9.23
N THR D 190 35.88 6.38 8.63
CA THR D 190 35.18 5.40 7.79
C THR D 190 35.42 4.00 8.35
N PHE D 191 34.34 3.25 8.54
CA PHE D 191 34.41 1.89 9.05
C PHE D 191 34.25 0.92 7.88
N THR D 192 35.28 0.12 7.63
CA THR D 192 35.29 -0.82 6.52
C THR D 192 35.62 -2.22 7.03
N GLY D 193 35.18 -3.22 6.26
CA GLY D 193 35.43 -4.60 6.61
C GLY D 193 34.28 -5.51 6.28
N HIS D 194 33.09 -4.95 6.14
CA HIS D 194 31.91 -5.74 5.80
C HIS D 194 31.97 -6.20 4.35
N THR D 195 31.78 -7.51 4.13
CA THR D 195 31.77 -8.03 2.77
C THR D 195 30.50 -7.63 2.04
N GLY D 196 29.35 -7.75 2.70
CA GLY D 196 28.07 -7.36 2.11
C GLY D 196 27.66 -5.95 2.48
N ASP D 197 26.54 -5.54 1.89
CA ASP D 197 26.02 -4.19 2.13
C ASP D 197 25.48 -4.09 3.55
N VAL D 198 25.88 -3.03 4.26
CA VAL D 198 25.39 -2.82 5.62
C VAL D 198 23.93 -2.42 5.58
N MET D 199 23.12 -3.06 6.43
CA MET D 199 21.68 -2.86 6.40
C MET D 199 21.13 -2.12 7.61
N SER D 200 21.77 -2.23 8.78
CA SER D 200 21.28 -1.55 9.96
C SER D 200 22.41 -1.37 10.95
N LEU D 201 22.22 -0.44 11.88
CA LEU D 201 23.16 -0.23 12.97
C LEU D 201 22.39 0.26 14.19
N SER D 202 22.98 0.03 15.37
CA SER D 202 22.42 0.48 16.62
C SER D 202 23.52 1.11 17.46
N LEU D 203 23.13 2.07 18.29
CA LEU D 203 24.07 2.81 19.13
C LEU D 203 23.89 2.42 20.59
N ALA D 204 25.00 2.18 21.27
CA ALA D 204 24.98 1.86 22.69
C ALA D 204 24.58 3.09 23.50
N PRO D 205 24.05 2.90 24.70
CA PRO D 205 23.65 4.06 25.52
C PRO D 205 24.80 5.01 25.79
N ASP D 206 26.02 4.51 25.97
CA ASP D 206 27.17 5.38 26.15
C ASP D 206 27.75 5.89 24.85
N THR D 207 27.26 5.42 23.71
CA THR D 207 27.65 5.85 22.36
C THR D 207 29.13 5.62 22.07
N ARG D 208 29.84 4.89 22.92
CA ARG D 208 31.24 4.60 22.67
C ARG D 208 31.42 3.52 21.61
N LEU D 209 30.47 2.59 21.51
CA LEU D 209 30.57 1.47 20.58
C LEU D 209 29.25 1.32 19.83
N PHE D 210 29.33 0.76 18.63
CA PHE D 210 28.12 0.45 17.87
C PHE D 210 28.39 -0.79 17.02
N VAL D 211 27.30 -1.46 16.66
CA VAL D 211 27.36 -2.66 15.82
C VAL D 211 26.58 -2.41 14.54
N SER D 212 27.01 -3.06 13.47
CA SER D 212 26.40 -2.91 12.16
C SER D 212 26.11 -4.29 11.57
N GLY D 213 24.89 -4.46 11.06
CA GLY D 213 24.50 -5.70 10.42
C GLY D 213 24.49 -5.55 8.91
N ALA D 214 25.28 -6.38 8.25
CA ALA D 214 25.46 -6.33 6.81
C ALA D 214 24.76 -7.52 6.16
N CYS D 215 24.87 -7.59 4.83
CA CYS D 215 24.24 -8.63 4.04
C CYS D 215 25.09 -9.89 3.94
N ASP D 216 26.28 -9.90 4.54
CA ASP D 216 27.17 -11.06 4.51
C ASP D 216 26.95 -11.99 5.71
N ALA D 217 25.82 -11.86 6.39
CA ALA D 217 25.51 -12.66 7.58
C ALA D 217 26.57 -12.50 8.66
N SER D 218 27.14 -11.30 8.76
CA SER D 218 28.18 -11.00 9.74
C SER D 218 27.88 -9.69 10.43
N ALA D 219 28.04 -9.68 11.74
CA ALA D 219 27.85 -8.48 12.56
C ALA D 219 29.20 -8.06 13.14
N LYS D 220 29.55 -6.79 12.98
CA LYS D 220 30.84 -6.27 13.42
C LYS D 220 30.63 -5.14 14.42
N LEU D 221 31.46 -5.13 15.47
CA LEU D 221 31.43 -4.09 16.49
C LEU D 221 32.52 -3.07 16.20
N TRP D 222 32.15 -1.80 16.14
CA TRP D 222 33.06 -0.73 15.78
C TRP D 222 33.22 0.24 16.95
N ASP D 223 34.35 0.94 16.95
CA ASP D 223 34.65 1.96 17.95
C ASP D 223 34.51 3.33 17.30
N VAL D 224 33.74 4.21 17.95
CA VAL D 224 33.47 5.53 17.38
C VAL D 224 34.74 6.38 17.33
N ARG D 225 35.46 6.43 18.45
CA ARG D 225 36.60 7.35 18.54
C ARG D 225 37.79 6.84 17.74
N GLU D 226 38.08 5.55 17.82
CA GLU D 226 39.27 5.00 17.18
C GLU D 226 39.03 4.51 15.76
N GLY D 227 37.80 4.15 15.42
CA GLY D 227 37.52 3.63 14.09
C GLY D 227 37.92 2.18 13.88
N MET D 228 38.35 1.49 14.93
CA MET D 228 38.77 0.10 14.84
C MET D 228 37.61 -0.83 15.12
N CYS D 229 37.60 -1.98 14.44
CA CYS D 229 36.56 -2.97 14.61
C CYS D 229 36.92 -3.87 15.79
N ARG D 230 36.18 -3.74 16.90
CA ARG D 230 36.51 -4.50 18.10
C ARG D 230 36.26 -5.99 17.91
N GLN D 231 35.09 -6.35 17.36
CA GLN D 231 34.72 -7.75 17.27
C GLN D 231 33.92 -7.99 15.99
N THR D 232 33.89 -9.25 15.56
CA THR D 232 33.11 -9.69 14.41
C THR D 232 32.33 -10.93 14.80
N PHE D 233 31.02 -10.92 14.55
CA PHE D 233 30.14 -12.04 14.86
C PHE D 233 29.55 -12.56 13.57
N THR D 234 29.63 -13.88 13.37
CA THR D 234 29.10 -14.53 12.17
C THR D 234 28.37 -15.80 12.61
N GLY D 235 27.04 -15.71 12.74
CA GLY D 235 26.25 -16.86 13.13
C GLY D 235 25.04 -17.07 12.24
N HIS D 236 24.77 -16.11 11.36
CA HIS D 236 23.63 -16.19 10.46
C HIS D 236 24.03 -16.86 9.14
N GLU D 237 23.03 -17.08 8.29
CA GLU D 237 23.25 -17.63 6.95
C GLU D 237 22.46 -16.87 5.89
N SER D 238 22.05 -15.64 6.19
CA SER D 238 21.29 -14.82 5.25
C SER D 238 21.52 -13.36 5.58
N ASP D 239 20.74 -12.48 4.95
CA ASP D 239 20.90 -11.05 5.17
C ASP D 239 20.48 -10.68 6.58
N ILE D 240 21.20 -9.72 7.17
CA ILE D 240 20.90 -9.21 8.51
C ILE D 240 20.28 -7.83 8.31
N ASN D 241 18.95 -7.77 8.37
CA ASN D 241 18.21 -6.54 8.10
C ASN D 241 17.93 -5.71 9.35
N ALA D 242 18.30 -6.20 10.53
CA ALA D 242 18.01 -5.48 11.76
C ALA D 242 19.06 -5.81 12.81
N ILE D 243 19.20 -4.89 13.77
CA ILE D 243 20.14 -5.06 14.87
C ILE D 243 19.76 -4.06 15.95
N CYS D 244 20.01 -4.42 17.21
CA CYS D 244 19.66 -3.56 18.34
C CYS D 244 20.45 -4.00 19.56
N PHE D 245 21.05 -3.04 20.26
CA PHE D 245 21.80 -3.34 21.47
C PHE D 245 20.87 -3.71 22.62
N PHE D 246 21.38 -4.56 23.51
CA PHE D 246 20.69 -4.81 24.76
C PHE D 246 20.76 -3.54 25.62
N PRO D 247 19.74 -3.30 26.46
CA PRO D 247 19.72 -2.04 27.24
C PRO D 247 20.98 -1.77 28.05
N ASN D 248 21.62 -2.81 28.62
CA ASN D 248 22.86 -2.59 29.34
C ASN D 248 24.02 -2.25 28.42
N GLY D 249 23.92 -2.60 27.14
CA GLY D 249 24.97 -2.32 26.18
C GLY D 249 26.01 -3.41 26.01
N ASN D 250 25.89 -4.51 26.74
CA ASN D 250 26.86 -5.60 26.67
C ASN D 250 26.42 -6.72 25.73
N ALA D 251 25.29 -6.57 25.05
CA ALA D 251 24.78 -7.60 24.15
C ALA D 251 23.90 -6.95 23.09
N PHE D 252 23.62 -7.71 22.04
CA PHE D 252 22.74 -7.22 20.98
C PHE D 252 22.12 -8.40 20.27
N ALA D 253 21.00 -8.14 19.59
CA ALA D 253 20.27 -9.14 18.84
C ALA D 253 20.14 -8.69 17.39
N THR D 254 20.30 -9.63 16.47
CA THR D 254 20.31 -9.34 15.05
C THR D 254 19.18 -10.10 14.36
N GLY D 255 18.44 -9.39 13.50
CA GLY D 255 17.45 -10.05 12.66
C GLY D 255 18.09 -10.73 11.47
N SER D 256 17.29 -11.54 10.78
CA SER D 256 17.78 -12.28 9.63
C SER D 256 16.63 -12.60 8.70
N ASP D 257 16.98 -12.99 7.47
CA ASP D 257 15.98 -13.31 6.46
C ASP D 257 15.41 -14.70 6.60
N ASP D 258 15.93 -15.54 7.49
CA ASP D 258 15.47 -16.91 7.67
C ASP D 258 14.65 -17.08 8.94
N ALA D 259 14.02 -16.00 9.40
CA ALA D 259 13.18 -16.02 10.60
C ALA D 259 13.94 -16.50 11.83
N THR D 260 15.20 -16.09 11.94
CA THR D 260 16.06 -16.47 13.07
C THR D 260 16.68 -15.22 13.67
N CYS D 261 16.33 -14.93 14.92
CA CYS D 261 16.99 -13.88 15.69
C CYS D 261 18.06 -14.52 16.56
N ARG D 262 19.27 -13.98 16.50
CA ARG D 262 20.41 -14.50 17.26
C ARG D 262 20.92 -13.43 18.20
N LEU D 263 21.08 -13.78 19.47
CA LEU D 263 21.56 -12.86 20.49
C LEU D 263 23.06 -13.05 20.65
N PHE D 264 23.82 -11.98 20.45
CA PHE D 264 25.27 -12.00 20.56
C PHE D 264 25.69 -11.15 21.76
N ASP D 265 26.58 -11.68 22.58
CA ASP D 265 27.08 -10.98 23.76
C ASP D 265 28.50 -10.48 23.48
N LEU D 266 28.72 -9.19 23.76
CA LEU D 266 30.04 -8.61 23.49
C LEU D 266 31.11 -9.25 24.35
N ARG D 267 30.84 -9.46 25.63
CA ARG D 267 31.83 -10.06 26.51
C ARG D 267 32.03 -11.55 26.21
N ALA D 268 30.94 -12.25 25.88
CA ALA D 268 31.04 -13.67 25.58
C ALA D 268 31.63 -13.92 24.19
N ASP D 269 31.45 -12.99 23.26
CA ASP D 269 31.90 -13.13 21.88
C ASP D 269 31.33 -14.40 21.24
N GLN D 270 30.05 -14.67 21.50
CA GLN D 270 29.40 -15.85 20.98
C GLN D 270 27.94 -15.54 20.68
N GLU D 271 27.35 -16.39 19.84
CA GLU D 271 25.90 -16.40 19.66
C GLU D 271 25.28 -17.09 20.87
N LEU D 272 24.61 -16.31 21.72
CA LEU D 272 24.10 -16.86 22.97
C LEU D 272 22.95 -17.83 22.72
N MET D 273 21.99 -17.43 21.90
CA MET D 273 20.80 -18.24 21.69
C MET D 273 20.10 -17.76 20.41
N THR D 274 19.26 -18.62 19.86
CA THR D 274 18.58 -18.37 18.60
C THR D 274 17.08 -18.27 18.85
N TYR D 275 16.47 -17.18 18.40
CA TYR D 275 15.03 -16.96 18.53
C TYR D 275 14.37 -17.32 17.21
N SER D 276 14.09 -18.61 17.03
CA SER D 276 13.49 -19.12 15.82
C SER D 276 12.35 -20.07 16.16
N HIS D 277 11.39 -20.15 15.24
CA HIS D 277 10.25 -21.05 15.40
C HIS D 277 9.98 -21.73 14.06
N ASP D 278 9.39 -22.93 14.13
CA ASP D 278 9.08 -23.67 12.90
C ASP D 278 7.96 -22.98 12.12
N ASN D 279 7.00 -22.39 12.82
CA ASN D 279 5.88 -21.75 12.14
C ASN D 279 6.35 -20.54 11.32
N ILE D 280 7.24 -19.73 11.89
CA ILE D 280 7.68 -18.52 11.23
C ILE D 280 8.76 -18.86 10.21
N ILE D 281 8.62 -18.35 8.99
CA ILE D 281 9.56 -18.65 7.91
C ILE D 281 9.99 -17.38 7.18
N CYS D 282 9.24 -16.30 7.35
CA CYS D 282 9.52 -15.08 6.62
C CYS D 282 10.66 -14.31 7.27
N GLY D 283 11.21 -13.36 6.51
CA GLY D 283 12.35 -12.60 6.98
C GLY D 283 12.00 -11.64 8.10
N ILE D 284 13.05 -11.12 8.73
CA ILE D 284 12.94 -10.18 9.84
C ILE D 284 13.57 -8.86 9.41
N THR D 285 12.80 -7.77 9.51
CA THR D 285 13.26 -6.46 9.11
C THR D 285 13.48 -5.50 10.27
N SER D 286 13.00 -5.82 11.46
CA SER D 286 13.12 -4.92 12.61
C SER D 286 13.37 -5.73 13.87
N VAL D 287 14.27 -5.24 14.71
CA VAL D 287 14.58 -5.84 16.00
C VAL D 287 14.64 -4.73 17.04
N SER D 288 13.92 -4.91 18.15
CA SER D 288 13.89 -3.94 19.22
C SER D 288 13.91 -4.64 20.56
N PHE D 289 14.39 -3.93 21.58
CA PHE D 289 14.49 -4.44 22.93
C PHE D 289 13.64 -3.60 23.88
N SER D 290 13.15 -4.25 24.93
CA SER D 290 12.36 -3.56 25.94
C SER D 290 13.27 -2.75 26.86
N LYS D 291 12.66 -2.09 27.86
CA LYS D 291 13.45 -1.31 28.81
C LYS D 291 14.38 -2.20 29.62
N SER D 292 13.85 -3.34 30.10
CA SER D 292 14.67 -4.30 30.84
C SER D 292 15.37 -5.30 29.93
N GLY D 293 15.08 -5.28 28.64
CA GLY D 293 15.68 -6.20 27.71
C GLY D 293 15.16 -7.62 27.76
N ARG D 294 14.08 -7.86 28.51
CA ARG D 294 13.53 -9.20 28.61
C ARG D 294 12.67 -9.55 27.39
N LEU D 295 11.96 -8.56 26.85
CA LEU D 295 11.08 -8.76 25.70
C LEU D 295 11.82 -8.32 24.45
N LEU D 296 12.22 -9.28 23.63
CA LEU D 296 12.89 -9.00 22.36
C LEU D 296 11.83 -8.94 21.27
N LEU D 297 11.43 -7.72 20.89
CA LEU D 297 10.43 -7.53 19.86
C LEU D 297 11.09 -7.53 18.49
N ALA D 298 10.58 -8.37 17.59
CA ALA D 298 11.14 -8.51 16.25
C ALA D 298 10.03 -8.32 15.23
N GLY D 299 10.28 -7.48 14.23
CA GLY D 299 9.32 -7.25 13.17
C GLY D 299 9.51 -8.20 11.99
N TYR D 300 8.49 -8.99 11.70
CA TYR D 300 8.56 -10.01 10.66
C TYR D 300 7.80 -9.55 9.41
N ASP D 301 7.92 -10.37 8.36
CA ASP D 301 7.24 -10.11 7.10
C ASP D 301 5.87 -10.77 7.02
N ASP D 302 5.41 -11.42 8.08
CA ASP D 302 4.12 -12.08 8.11
C ASP D 302 2.98 -11.12 8.49
N PHE D 303 3.18 -9.82 8.28
CA PHE D 303 2.20 -8.77 8.55
C PHE D 303 1.91 -8.61 10.04
N ASN D 304 2.82 -9.05 10.91
CA ASN D 304 2.63 -8.91 12.34
C ASN D 304 3.98 -8.92 13.02
N CYS D 305 4.00 -8.43 14.26
CA CYS D 305 5.21 -8.37 15.07
C CYS D 305 5.09 -9.35 16.23
N ASN D 306 6.12 -10.16 16.42
CA ASN D 306 6.14 -11.18 17.47
C ASN D 306 7.05 -10.73 18.61
N VAL D 307 6.52 -10.80 19.82
CA VAL D 307 7.29 -10.47 21.02
C VAL D 307 7.87 -11.77 21.58
N TRP D 308 9.19 -11.81 21.70
CA TRP D 308 9.90 -12.99 22.15
C TRP D 308 10.39 -12.81 23.58
N ASP D 309 10.88 -13.90 24.15
CA ASP D 309 11.50 -13.90 25.48
C ASP D 309 13.01 -14.00 25.29
N ALA D 310 13.73 -13.00 25.80
CA ALA D 310 15.17 -12.93 25.59
C ALA D 310 15.93 -14.02 26.33
N LEU D 311 15.28 -14.74 27.24
CA LEU D 311 15.95 -15.78 28.01
C LEU D 311 15.30 -17.15 27.90
N LYS D 312 14.08 -17.25 27.37
CA LYS D 312 13.36 -18.51 27.30
C LYS D 312 13.12 -19.04 25.90
N ALA D 313 13.40 -18.25 24.86
CA ALA D 313 13.19 -18.66 23.47
C ALA D 313 11.73 -19.03 23.20
N ASP D 314 10.80 -18.37 23.89
CA ASP D 314 9.37 -18.62 23.72
C ASP D 314 8.68 -17.33 23.30
N ARG D 315 7.90 -17.41 22.22
CA ARG D 315 7.14 -16.27 21.78
C ARG D 315 6.08 -15.91 22.81
N ALA D 316 5.99 -14.62 23.14
CA ALA D 316 5.15 -14.16 24.24
C ALA D 316 4.01 -13.26 23.76
N GLY D 317 3.68 -13.30 22.49
CA GLY D 317 2.59 -12.52 21.95
C GLY D 317 2.86 -12.10 20.52
N VAL D 318 1.77 -11.86 19.79
CA VAL D 318 1.83 -11.43 18.39
C VAL D 318 1.10 -10.10 18.27
N LEU D 319 1.76 -9.13 17.64
CA LEU D 319 1.15 -7.82 17.40
C LEU D 319 0.55 -7.79 16.00
N ALA D 320 -0.57 -8.53 15.85
CA ALA D 320 -1.24 -8.66 14.56
C ALA D 320 -2.22 -7.49 14.39
N GLY D 321 -1.67 -6.37 13.95
CA GLY D 321 -2.47 -5.17 13.72
C GLY D 321 -2.04 -4.39 12.50
N HIS D 322 -1.17 -4.98 11.67
CA HIS D 322 -0.65 -4.34 10.48
C HIS D 322 -1.11 -5.10 9.25
N ASP D 323 -1.60 -4.36 8.25
CA ASP D 323 -2.08 -5.00 7.02
C ASP D 323 -0.92 -5.49 6.16
N ASN D 324 0.17 -4.75 6.13
CA ASN D 324 1.33 -5.07 5.30
C ASN D 324 2.52 -5.47 6.17
N ARG D 325 3.64 -5.72 5.51
CA ARG D 325 4.84 -6.17 6.20
C ARG D 325 5.38 -5.08 7.13
N VAL D 326 5.74 -5.48 8.34
CA VAL D 326 6.30 -4.56 9.32
C VAL D 326 7.74 -4.26 8.92
N SER D 327 8.02 -2.99 8.63
CA SER D 327 9.35 -2.58 8.19
C SER D 327 10.16 -1.89 9.27
N CYS D 328 9.51 -1.23 10.23
CA CYS D 328 10.20 -0.54 11.31
C CYS D 328 9.54 -0.86 12.64
N LEU D 329 10.36 -0.81 13.70
CA LEU D 329 9.89 -1.11 15.05
C LEU D 329 10.82 -0.45 16.03
N GLY D 330 10.25 0.23 17.03
CA GLY D 330 11.05 0.95 18.01
C GLY D 330 10.37 0.94 19.36
N VAL D 331 11.19 1.03 20.41
CA VAL D 331 10.72 1.07 21.79
C VAL D 331 11.24 2.34 22.43
N THR D 332 10.37 3.02 23.20
CA THR D 332 10.76 4.25 23.87
C THR D 332 11.86 3.99 24.88
N ASP D 333 12.59 5.06 25.21
CA ASP D 333 13.69 4.94 26.17
C ASP D 333 13.18 4.51 27.55
N ASP D 334 12.05 5.06 27.97
CA ASP D 334 11.45 4.67 29.25
C ASP D 334 10.60 3.40 29.14
N GLY D 335 10.43 2.85 27.94
CA GLY D 335 9.67 1.63 27.77
C GLY D 335 8.18 1.77 27.94
N MET D 336 7.67 3.00 27.95
CA MET D 336 6.25 3.22 28.21
C MET D 336 5.39 2.61 27.09
N ALA D 337 5.79 2.79 25.84
CA ALA D 337 5.00 2.30 24.72
C ALA D 337 5.93 1.85 23.61
N VAL D 338 5.38 1.05 22.70
CA VAL D 338 6.11 0.52 21.55
C VAL D 338 5.34 0.89 20.29
N ALA D 339 6.04 1.48 19.32
CA ALA D 339 5.44 1.88 18.05
C ALA D 339 5.93 0.94 16.95
N THR D 340 4.98 0.40 16.18
CA THR D 340 5.29 -0.48 15.06
C THR D 340 4.80 0.17 13.78
N GLY D 341 5.67 0.24 12.77
CA GLY D 341 5.32 0.76 11.46
C GLY D 341 5.38 -0.35 10.44
N SER D 342 4.63 -0.18 9.35
CA SER D 342 4.56 -1.18 8.31
C SER D 342 4.35 -0.50 6.96
N TRP D 343 4.38 -1.30 5.90
CA TRP D 343 4.20 -0.77 4.54
C TRP D 343 2.77 -0.34 4.27
N ASP D 344 1.83 -0.65 5.16
CA ASP D 344 0.43 -0.27 4.97
C ASP D 344 0.15 1.19 5.33
N SER D 345 1.20 1.99 5.52
CA SER D 345 1.07 3.43 5.77
C SER D 345 0.36 3.73 7.09
N PHE D 346 0.53 2.86 8.09
CA PHE D 346 -0.03 3.09 9.42
C PHE D 346 1.02 2.81 10.48
N LEU D 347 0.94 3.55 11.59
CA LEU D 347 1.72 3.27 12.79
C LEU D 347 0.78 2.87 13.90
N LYS D 348 1.13 1.81 14.62
CA LYS D 348 0.37 1.34 15.77
C LYS D 348 1.22 1.51 17.02
N ILE D 349 0.69 2.23 18.00
CA ILE D 349 1.36 2.41 19.28
C ILE D 349 0.86 1.32 20.23
N TRP D 350 1.76 0.45 20.65
CA TRP D 350 1.42 -0.69 21.48
C TRP D 350 1.82 -0.43 22.93
N ASN D 351 0.90 -0.68 23.85
CA ASN D 351 1.15 -0.49 25.27
C ASN D 351 0.28 -1.45 26.09
N THR E 6 49.44 -7.18 -6.54
CA THR E 6 49.79 -5.87 -5.99
C THR E 6 48.71 -5.37 -5.04
N ALA E 7 47.54 -5.04 -5.59
CA ALA E 7 46.44 -4.58 -4.75
C ALA E 7 45.75 -5.73 -4.02
N SER E 8 45.71 -6.91 -4.63
CA SER E 8 45.03 -8.05 -4.00
C SER E 8 45.74 -8.47 -2.72
N ILE E 9 47.08 -8.53 -2.74
CA ILE E 9 47.82 -8.96 -1.56
C ILE E 9 47.69 -7.94 -0.43
N ALA E 10 47.63 -6.64 -0.79
CA ALA E 10 47.49 -5.61 0.24
C ALA E 10 46.13 -5.68 0.90
N GLN E 11 45.07 -5.82 0.12
CA GLN E 11 43.72 -5.91 0.68
C GLN E 11 43.55 -7.19 1.51
N ALA E 12 44.09 -8.30 1.02
CA ALA E 12 43.97 -9.56 1.75
C ALA E 12 44.77 -9.54 3.05
N ARG E 13 45.92 -8.86 3.07
CA ARG E 13 46.71 -8.78 4.29
C ARG E 13 45.98 -8.01 5.38
N LYS E 14 45.10 -7.07 5.00
CA LYS E 14 44.34 -6.32 6.00
C LYS E 14 43.40 -7.23 6.77
N LEU E 15 42.77 -8.18 6.09
CA LEU E 15 41.88 -9.12 6.77
C LEU E 15 42.65 -9.98 7.77
N VAL E 16 43.83 -10.45 7.39
CA VAL E 16 44.65 -11.25 8.31
C VAL E 16 45.07 -10.41 9.51
N GLU E 17 45.48 -9.16 9.28
CA GLU E 17 45.85 -8.27 10.38
C GLU E 17 44.66 -8.04 11.31
N GLN E 18 43.47 -7.85 10.74
CA GLN E 18 42.28 -7.69 11.57
C GLN E 18 41.98 -8.96 12.35
N LEU E 19 42.14 -10.12 11.73
CA LEU E 19 41.88 -11.38 12.42
C LEU E 19 42.83 -11.58 13.59
N LYS E 20 44.12 -11.30 13.39
CA LYS E 20 45.08 -11.36 14.49
C LYS E 20 44.76 -10.32 15.55
N MET E 21 44.40 -9.11 15.12
CA MET E 21 44.06 -8.05 16.06
C MET E 21 42.81 -8.40 16.87
N GLU E 22 41.81 -8.99 16.21
CA GLU E 22 40.59 -9.37 16.92
C GLU E 22 40.80 -10.55 17.86
N ALA E 23 41.85 -11.34 17.64
CA ALA E 23 42.13 -12.52 18.45
C ALA E 23 42.89 -12.21 19.72
N ASN E 24 43.32 -10.96 19.92
CA ASN E 24 44.11 -10.60 21.08
C ASN E 24 43.26 -10.15 22.28
N ILE E 25 41.94 -10.06 22.11
CA ILE E 25 41.09 -9.66 23.22
C ILE E 25 40.78 -10.86 24.11
N ASP E 26 40.30 -10.58 25.31
CA ASP E 26 40.02 -11.61 26.30
C ASP E 26 38.56 -12.03 26.21
N ARG E 27 38.33 -13.35 26.16
CA ARG E 27 36.99 -13.91 26.09
C ARG E 27 36.47 -14.14 27.50
N ILE E 28 35.54 -13.29 27.93
CA ILE E 28 34.89 -13.50 29.22
C ILE E 28 33.99 -14.72 29.14
N LYS E 29 34.05 -15.57 30.17
CA LYS E 29 33.36 -16.85 30.15
C LYS E 29 31.86 -16.65 30.01
N VAL E 30 31.24 -17.49 29.17
CA VAL E 30 29.82 -17.36 28.87
C VAL E 30 28.96 -17.63 30.10
N SER E 31 29.44 -18.47 31.02
CA SER E 31 28.63 -18.85 32.18
C SER E 31 28.29 -17.63 33.04
N LYS E 32 29.26 -16.74 33.26
CA LYS E 32 29.02 -15.55 34.05
C LYS E 32 28.67 -14.34 33.20
N ALA E 33 29.04 -14.33 31.92
CA ALA E 33 28.58 -13.27 31.03
C ALA E 33 27.07 -13.33 30.83
N ALA E 34 26.52 -14.53 30.66
CA ALA E 34 25.08 -14.69 30.54
C ALA E 34 24.37 -14.52 31.87
N ALA E 35 25.06 -14.74 32.99
CA ALA E 35 24.44 -14.55 34.29
C ALA E 35 24.14 -13.07 34.54
N ASP E 36 25.00 -12.18 34.06
CA ASP E 36 24.76 -10.75 34.23
C ASP E 36 23.53 -10.29 33.47
N LEU E 37 23.20 -10.96 32.36
CA LEU E 37 21.99 -10.61 31.61
C LEU E 37 20.75 -10.85 32.44
N MET E 38 20.70 -11.97 33.17
CA MET E 38 19.57 -12.24 34.05
C MET E 38 19.49 -11.22 35.18
N ALA E 39 20.64 -10.82 35.73
CA ALA E 39 20.64 -9.87 36.83
C ALA E 39 20.08 -8.52 36.41
N TYR E 40 20.47 -8.05 35.22
CA TYR E 40 19.94 -6.77 34.74
C TYR E 40 18.44 -6.86 34.45
N CYS E 41 18.00 -7.97 33.85
CA CYS E 41 16.59 -8.13 33.54
C CYS E 41 15.72 -8.17 34.80
N GLU E 42 16.18 -8.91 35.82
CA GLU E 42 15.40 -9.01 37.05
C GLU E 42 15.44 -7.72 37.85
N ALA E 43 16.54 -6.96 37.76
CA ALA E 43 16.62 -5.69 38.48
C ALA E 43 15.66 -4.65 37.90
N HIS E 44 15.54 -4.61 36.58
CA HIS E 44 14.72 -3.62 35.89
C HIS E 44 13.39 -4.19 35.43
N ALA E 45 13.03 -5.40 35.87
CA ALA E 45 11.74 -5.98 35.49
C ALA E 45 10.58 -5.14 36.02
N LYS E 46 10.68 -4.69 37.27
CA LYS E 46 9.63 -3.85 37.83
C LYS E 46 9.55 -2.50 37.12
N GLU E 47 10.70 -1.91 36.79
CA GLU E 47 10.73 -0.62 36.12
C GLU E 47 10.24 -0.70 34.68
N ASP E 48 10.34 -1.86 34.05
CA ASP E 48 9.93 -2.01 32.66
C ASP E 48 8.41 -2.05 32.56
N PRO E 49 7.78 -1.12 31.84
CA PRO E 49 6.31 -1.15 31.72
C PRO E 49 5.79 -2.27 30.84
N LEU E 50 6.61 -2.82 29.94
CA LEU E 50 6.14 -3.88 29.06
C LEU E 50 6.05 -5.22 29.77
N LEU E 51 7.01 -5.51 30.66
CA LEU E 51 7.01 -6.80 31.35
C LEU E 51 5.84 -6.90 32.33
N THR E 52 5.60 -5.85 33.11
CA THR E 52 4.50 -5.82 34.07
C THR E 52 3.43 -4.87 33.57
N PRO E 53 2.19 -5.32 33.40
CA PRO E 53 1.14 -4.41 32.90
C PRO E 53 0.96 -3.22 33.82
N VAL E 54 0.74 -2.06 33.20
CA VAL E 54 0.64 -0.78 33.91
C VAL E 54 -0.81 -0.30 33.80
N PRO E 55 -1.42 0.18 34.88
CA PRO E 55 -2.77 0.72 34.78
C PRO E 55 -2.83 1.92 33.84
N ALA E 56 -3.97 2.08 33.18
CA ALA E 56 -4.13 3.15 32.20
C ALA E 56 -4.01 4.54 32.83
N SER E 57 -4.26 4.65 34.14
CA SER E 57 -4.12 5.94 34.81
C SER E 57 -2.67 6.40 34.81
N GLU E 58 -1.72 5.49 35.04
CA GLU E 58 -0.32 5.88 35.12
C GLU E 58 0.24 6.22 33.75
N ASN E 59 -0.05 5.40 32.74
CA ASN E 59 0.50 5.64 31.41
C ASN E 59 -0.27 6.76 30.72
N PRO E 60 0.39 7.48 29.80
CA PRO E 60 -0.29 8.54 29.05
C PRO E 60 -1.01 8.07 27.79
N PHE E 61 -0.99 6.78 27.49
CA PHE E 61 -1.63 6.23 26.31
C PHE E 61 -2.96 5.54 26.63
N ARG E 62 -3.48 5.74 27.84
CA ARG E 62 -4.71 5.10 28.35
C ARG E 62 -4.95 3.69 27.81
#